data_1OYH
#
_entry.id   1OYH
#
_cell.length_a   68.998
_cell.length_b   98.573
_cell.length_c   89.350
_cell.angle_alpha   90.00
_cell.angle_beta   105.53
_cell.angle_gamma   90.00
#
_symmetry.space_group_name_H-M   'P 1 21 1'
#
loop_
_entity.id
_entity.type
_entity.pdbx_description
1 polymer Antithrombin-III
2 polymer Antithrombin-III
3 branched 2-acetamido-2-deoxy-beta-D-glucopyranose-(1-4)-2-acetamido-2-deoxy-beta-D-glucopyranose
4 branched alpha-D-mannopyranose-(1-3)-[alpha-D-mannopyranose-(1-6)]beta-D-mannopyranose-(1-4)-2-acetamido-2-deoxy-beta-D-glucopyranose-(1-4)-2-acetamido-2-deoxy-beta-D-glucopyranose
5 non-polymer 2-acetamido-2-deoxy-beta-D-glucopyranose
6 water water
#
loop_
_entity_poly.entity_id
_entity_poly.type
_entity_poly.pdbx_seq_one_letter_code
_entity_poly.pdbx_strand_id
1 'polypeptide(L)'
;HGSPVDICTAKPRDIPMNPMCIYRSPEKKATEDEGSEQKIPEATNRRVWELSKANSRFATTFYQHLADSKNDNDNIFLSP
LSISTAFAMTKLGACNDTLQQLMEVFKFDTISEKTSDQIHFFFAKLNCRLYRKANKASKLVSANRLFGDKSLTFNETYQD
ISELVYGAKLQPLDFKENAEQSRAAINKWVSNKTEGRITDVIPSEAINELTVLVLVNTIYFKGLWKSKFSPENTRKELFY
KADGESCSASMMYQEGKFRYRRVAEGTQVLELPFKGDDITMVLILPKPEKSLAKVEKELTPEVLQEWLDELEEMMLVVHM
PRFRIEDGFSLKEQLQDMGLVDLFSPEKSKLPGIVAEGRDDLYVSDAFHKAFLEVNEEGSAAAASTAVVIAGRSLNPNRV
TFKANRPFLVFIREVPLNTIIFMGRVANPCVK
;
I
2 'polypeptide(L)'
;HGSPVDICTAKPRDIPMNPMCIYRSPEKKATEDEGSEQKIPEATNRRVWELSKANSRFATTFYQHLADSKNDNDNIFLSP
LSISTAFAMTKLGACNDTLQQLMEVFKFDTISEKTSDQIHFFFAKLNCRLYRKANKSSKLVSANRLFGDKSLTFNETYQD
ISELVYGAKLQPLDFKENAEQSRAAINKWVSNKTEGRITDVIPSEAINELTVLVLVNTIYFKGLWKSKFSPENTRKELFY
KADGESCSASMMYQEGKFRYRRVAEGTQVLELPFKGDDITMVLILPKPEKSLAKVEKELTPEVLQEWLDELEEMMLVVHM
PRFRIEDGFSLKEQLQDMGLVDLFSPEKSKLPGIVAEGRDDLYVSDAFHKAFLEVNEEGSEAAASTAVVIAGRSLNPNRV
TFKANRPFLVFIREVPLNTIIFMGRVANPCVK
;
L
#
# COMPACT_ATOMS: atom_id res chain seq x y z
N VAL A 5 12.48 -27.39 -32.33
CA VAL A 5 11.95 -26.11 -32.87
C VAL A 5 10.69 -25.72 -32.13
N ASP A 6 10.68 -24.50 -31.58
CA ASP A 6 9.50 -24.02 -30.86
C ASP A 6 9.08 -22.66 -31.36
N ILE A 7 7.87 -22.28 -30.99
CA ILE A 7 7.26 -21.01 -31.39
C ILE A 7 8.19 -19.79 -31.23
N CYS A 8 9.06 -19.80 -30.24
CA CYS A 8 9.94 -18.65 -30.05
C CYS A 8 11.21 -18.60 -30.91
N THR A 9 11.61 -19.73 -31.48
CA THR A 9 12.80 -19.72 -32.33
C THR A 9 12.45 -20.04 -33.79
N ALA A 10 11.15 -20.12 -34.06
CA ALA A 10 10.67 -20.42 -35.40
C ALA A 10 11.08 -19.36 -36.41
N LYS A 11 11.50 -19.84 -37.58
CA LYS A 11 11.91 -18.99 -38.68
C LYS A 11 10.92 -19.27 -39.81
N PRO A 12 10.73 -18.32 -40.75
CA PRO A 12 9.78 -18.53 -41.85
C PRO A 12 9.86 -19.88 -42.55
N ARG A 13 11.07 -20.42 -42.71
CA ARG A 13 11.24 -21.71 -43.38
C ARG A 13 10.76 -22.87 -42.47
N ASP A 14 10.45 -22.54 -41.23
CA ASP A 14 9.93 -23.52 -40.26
C ASP A 14 8.41 -23.54 -40.32
N ILE A 15 7.83 -22.51 -40.93
CA ILE A 15 6.38 -22.38 -41.09
C ILE A 15 6.07 -22.46 -42.60
N PRO A 16 6.30 -23.64 -43.21
CA PRO A 16 6.04 -23.78 -44.65
C PRO A 16 4.56 -23.69 -44.97
N MET A 17 4.22 -22.88 -45.96
CA MET A 17 2.83 -22.73 -46.35
C MET A 17 2.67 -23.19 -47.80
N ASN A 18 2.07 -24.36 -47.97
CA ASN A 18 1.83 -24.96 -49.28
C ASN A 18 1.18 -23.95 -50.23
N PRO A 19 1.87 -23.62 -51.33
CA PRO A 19 1.39 -22.67 -52.34
C PRO A 19 0.04 -23.07 -52.93
N MET A 20 -0.23 -22.60 -54.14
CA MET A 20 -1.50 -22.89 -54.78
C MET A 20 -2.55 -22.16 -53.94
N CYS A 21 -2.10 -21.71 -52.78
CA CYS A 21 -2.93 -20.97 -51.83
C CYS A 21 -2.11 -19.93 -51.09
N ILE A 22 -1.90 -18.79 -51.72
CA ILE A 22 -1.17 -17.72 -51.10
C ILE A 22 -1.83 -16.42 -51.53
N TYR A 23 -1.99 -15.50 -50.59
CA TYR A 23 -2.60 -14.23 -50.91
C TYR A 23 -1.52 -13.17 -50.94
N ARG A 24 -1.49 -12.39 -52.01
CA ARG A 24 -0.52 -11.33 -52.19
C ARG A 24 -1.24 -10.04 -51.81
N SER A 25 -0.95 -9.49 -50.64
CA SER A 25 -1.60 -8.26 -50.21
C SER A 25 -1.10 -7.09 -51.02
N PRO A 26 -1.98 -6.10 -51.27
CA PRO A 26 -1.67 -4.89 -52.05
C PRO A 26 -0.59 -4.04 -51.37
N GLU A 27 -0.04 -3.07 -52.09
CA GLU A 27 0.98 -2.20 -51.52
C GLU A 27 0.24 -0.99 -50.96
N LYS A 28 0.89 -0.25 -50.08
CA LYS A 28 0.26 0.92 -49.50
C LYS A 28 1.29 2.00 -49.14
N ILE A 40 8.29 1.68 -34.82
CA ILE A 40 8.87 2.98 -34.49
C ILE A 40 9.49 2.96 -33.09
N PRO A 41 8.78 2.41 -32.09
CA PRO A 41 9.32 2.36 -30.73
C PRO A 41 10.45 1.32 -30.58
N GLU A 42 11.51 1.71 -29.87
CA GLU A 42 12.66 0.83 -29.68
C GLU A 42 12.34 -0.40 -28.85
N ALA A 43 13.08 -1.49 -29.13
CA ALA A 43 12.91 -2.78 -28.45
C ALA A 43 11.65 -3.51 -28.90
N THR A 44 10.91 -2.93 -29.83
CA THR A 44 9.69 -3.53 -30.36
C THR A 44 9.95 -4.14 -31.74
N ASN A 45 9.45 -5.34 -31.95
CA ASN A 45 9.62 -6.06 -33.21
C ASN A 45 8.69 -5.51 -34.28
N ARG A 46 9.27 -4.91 -35.33
CA ARG A 46 8.50 -4.35 -36.43
C ARG A 46 7.47 -5.36 -36.95
N ARG A 47 7.83 -6.64 -36.92
CA ARG A 47 6.93 -7.68 -37.38
C ARG A 47 5.66 -7.68 -36.54
N VAL A 48 5.77 -7.97 -35.25
CA VAL A 48 4.60 -8.00 -34.37
C VAL A 48 3.93 -6.62 -34.25
N TRP A 49 4.71 -5.58 -34.49
CA TRP A 49 4.17 -4.24 -34.41
C TRP A 49 3.21 -4.00 -35.56
N GLU A 50 3.56 -4.46 -36.76
CA GLU A 50 2.67 -4.29 -37.90
C GLU A 50 1.41 -5.14 -37.66
N LEU A 51 1.62 -6.38 -37.24
CA LEU A 51 0.51 -7.29 -36.97
C LEU A 51 -0.43 -6.73 -35.91
N SER A 52 0.12 -6.09 -34.88
CA SER A 52 -0.73 -5.52 -33.84
C SER A 52 -1.63 -4.40 -34.36
N LYS A 53 -1.11 -3.58 -35.29
CA LYS A 53 -1.90 -2.49 -35.85
C LYS A 53 -3.02 -3.07 -36.69
N ALA A 54 -2.73 -4.16 -37.40
CA ALA A 54 -3.73 -4.83 -38.21
C ALA A 54 -4.80 -5.43 -37.32
N ASN A 55 -4.38 -6.10 -36.22
CA ASN A 55 -5.33 -6.70 -35.29
C ASN A 55 -6.17 -5.65 -34.60
N SER A 56 -5.57 -4.48 -34.33
CA SER A 56 -6.30 -3.40 -33.69
C SER A 56 -7.27 -2.76 -34.66
N ARG A 57 -6.99 -2.88 -35.95
CA ARG A 57 -7.89 -2.32 -36.95
C ARG A 57 -9.13 -3.21 -36.98
N PHE A 58 -8.92 -4.52 -36.88
CA PHE A 58 -10.06 -5.40 -36.87
C PHE A 58 -10.84 -5.16 -35.58
N ALA A 59 -10.08 -4.97 -34.49
CA ALA A 59 -10.68 -4.73 -33.18
C ALA A 59 -11.65 -3.57 -33.15
N THR A 60 -11.23 -2.37 -33.55
CA THR A 60 -12.17 -1.26 -33.49
C THR A 60 -13.30 -1.43 -34.49
N THR A 61 -12.98 -2.00 -35.65
CA THR A 61 -13.98 -2.22 -36.68
C THR A 61 -15.09 -3.17 -36.19
N PHE A 62 -14.67 -4.32 -35.67
CA PHE A 62 -15.63 -5.29 -35.16
C PHE A 62 -16.44 -4.66 -34.01
N TYR A 63 -15.76 -3.87 -33.18
CA TYR A 63 -16.41 -3.23 -32.05
C TYR A 63 -17.48 -2.23 -32.44
N GLN A 64 -17.19 -1.43 -33.47
CA GLN A 64 -18.15 -0.43 -33.91
C GLN A 64 -19.32 -1.11 -34.56
N HIS A 65 -19.07 -2.24 -35.20
CA HIS A 65 -20.13 -2.97 -35.86
C HIS A 65 -21.03 -3.59 -34.80
N LEU A 66 -20.41 -4.13 -33.76
CA LEU A 66 -21.17 -4.76 -32.70
C LEU A 66 -22.02 -3.77 -31.93
N ALA A 67 -21.38 -2.73 -31.40
CA ALA A 67 -22.07 -1.72 -30.62
C ALA A 67 -23.11 -0.99 -31.45
N ASP A 68 -22.95 -1.03 -32.76
CA ASP A 68 -23.89 -0.36 -33.62
C ASP A 68 -25.21 -1.12 -33.71
N SER A 69 -25.14 -2.42 -33.46
CA SER A 69 -26.33 -3.28 -33.53
C SER A 69 -26.86 -3.62 -32.13
N LYS A 70 -26.28 -3.02 -31.10
CA LYS A 70 -26.70 -3.29 -29.74
C LYS A 70 -27.37 -2.08 -29.09
N ASN A 71 -28.03 -2.33 -27.96
CA ASN A 71 -28.68 -1.28 -27.20
C ASN A 71 -27.66 -0.67 -26.25
N ASP A 72 -27.56 0.67 -26.27
CA ASP A 72 -26.61 1.41 -25.42
C ASP A 72 -26.47 0.98 -23.96
N ASN A 73 -27.58 0.59 -23.34
CA ASN A 73 -27.58 0.19 -21.96
C ASN A 73 -27.05 -1.22 -21.68
N ASP A 74 -26.56 -1.90 -22.71
CA ASP A 74 -26.03 -3.23 -22.48
C ASP A 74 -24.50 -3.21 -22.45
N ASN A 75 -23.93 -4.03 -21.59
CA ASN A 75 -22.48 -4.11 -21.50
C ASN A 75 -21.94 -4.90 -22.69
N ILE A 76 -20.63 -4.85 -22.87
CA ILE A 76 -19.99 -5.56 -23.96
C ILE A 76 -18.60 -5.96 -23.50
N PHE A 77 -18.13 -7.11 -23.96
CA PHE A 77 -16.80 -7.56 -23.60
C PHE A 77 -16.42 -8.72 -24.49
N LEU A 78 -15.34 -8.57 -25.24
CA LEU A 78 -14.87 -9.62 -26.13
C LEU A 78 -13.37 -9.58 -26.12
N SER A 79 -12.74 -10.53 -26.79
CA SER A 79 -11.28 -10.54 -26.88
C SER A 79 -10.95 -10.54 -28.36
N PRO A 80 -10.92 -9.36 -28.98
CA PRO A 80 -10.59 -9.26 -30.40
C PRO A 80 -9.29 -10.01 -30.76
N LEU A 81 -8.30 -9.96 -29.87
CA LEU A 81 -7.04 -10.67 -30.13
C LEU A 81 -7.33 -12.16 -30.31
N SER A 82 -8.23 -12.68 -29.48
CA SER A 82 -8.61 -14.08 -29.51
C SER A 82 -9.28 -14.41 -30.83
N ILE A 83 -10.25 -13.58 -31.21
CA ILE A 83 -10.96 -13.79 -32.47
C ILE A 83 -9.99 -13.76 -33.63
N SER A 84 -9.16 -12.73 -33.69
CA SER A 84 -8.21 -12.59 -34.78
C SER A 84 -7.25 -13.79 -34.87
N THR A 85 -6.88 -14.31 -33.71
CA THR A 85 -5.93 -15.42 -33.63
C THR A 85 -6.57 -16.73 -34.07
N ALA A 86 -7.74 -17.02 -33.56
CA ALA A 86 -8.46 -18.23 -33.88
C ALA A 86 -8.62 -18.30 -35.40
N PHE A 87 -9.10 -17.21 -35.99
CA PHE A 87 -9.29 -17.15 -37.43
C PHE A 87 -8.01 -17.16 -38.24
N ALA A 88 -6.92 -16.72 -37.64
CA ALA A 88 -5.66 -16.73 -38.35
C ALA A 88 -5.23 -18.19 -38.46
N MET A 89 -5.42 -18.93 -37.36
CA MET A 89 -5.08 -20.35 -37.26
C MET A 89 -5.92 -21.16 -38.25
N THR A 90 -7.21 -20.85 -38.31
CA THR A 90 -8.12 -21.52 -39.22
C THR A 90 -7.68 -21.31 -40.67
N LYS A 91 -7.33 -20.07 -41.03
CA LYS A 91 -6.94 -19.76 -42.40
C LYS A 91 -5.73 -20.51 -42.93
N LEU A 92 -5.04 -21.23 -42.06
CA LEU A 92 -3.87 -22.01 -42.49
C LEU A 92 -4.30 -23.02 -43.56
N GLY A 93 -5.52 -23.52 -43.45
CA GLY A 93 -6.02 -24.48 -44.42
C GLY A 93 -6.98 -23.91 -45.45
N ALA A 94 -7.04 -22.59 -45.53
CA ALA A 94 -7.94 -21.93 -46.45
C ALA A 94 -7.30 -21.69 -47.81
N CYS A 95 -8.11 -21.30 -48.78
CA CYS A 95 -7.63 -21.06 -50.14
C CYS A 95 -8.62 -20.23 -50.94
N ASN A 96 -8.18 -19.71 -52.09
CA ASN A 96 -9.00 -18.90 -53.00
C ASN A 96 -9.60 -17.67 -52.35
N ASP A 97 -10.91 -17.51 -52.58
CA ASP A 97 -11.69 -16.41 -52.06
C ASP A 97 -11.83 -16.55 -50.56
N THR A 98 -11.95 -17.79 -50.09
CA THR A 98 -12.08 -18.03 -48.66
C THR A 98 -10.82 -17.45 -48.00
N LEU A 99 -9.66 -17.81 -48.53
CA LEU A 99 -8.39 -17.34 -48.02
C LEU A 99 -8.32 -15.81 -48.11
N GLN A 100 -8.71 -15.27 -49.26
CA GLN A 100 -8.67 -13.83 -49.44
C GLN A 100 -9.64 -13.10 -48.50
N GLN A 101 -10.84 -13.63 -48.34
CA GLN A 101 -11.81 -13.01 -47.46
C GLN A 101 -11.26 -12.89 -46.04
N LEU A 102 -10.58 -13.93 -45.58
CA LEU A 102 -10.03 -13.91 -44.24
C LEU A 102 -8.97 -12.82 -44.13
N MET A 103 -8.16 -12.70 -45.17
CA MET A 103 -7.12 -11.69 -45.18
C MET A 103 -7.67 -10.27 -45.12
N GLU A 104 -8.80 -10.05 -45.77
CA GLU A 104 -9.39 -8.72 -45.80
C GLU A 104 -10.24 -8.35 -44.60
N VAL A 105 -11.12 -9.27 -44.20
CA VAL A 105 -11.99 -9.04 -43.06
C VAL A 105 -11.18 -8.80 -41.80
N PHE A 106 -10.13 -9.60 -41.62
CA PHE A 106 -9.30 -9.46 -40.44
C PHE A 106 -8.16 -8.46 -40.57
N LYS A 107 -8.21 -7.66 -41.64
CA LYS A 107 -7.24 -6.61 -41.93
C LYS A 107 -5.79 -7.06 -42.09
N PHE A 108 -5.55 -8.35 -42.26
CA PHE A 108 -4.17 -8.80 -42.42
C PHE A 108 -3.53 -8.25 -43.71
N ASP A 109 -4.35 -7.86 -44.67
CA ASP A 109 -3.89 -7.34 -45.94
C ASP A 109 -3.48 -5.88 -45.85
N THR A 110 -3.73 -5.26 -44.71
CA THR A 110 -3.38 -3.86 -44.56
C THR A 110 -1.91 -3.75 -44.18
N ILE A 111 -1.21 -4.87 -44.17
CA ILE A 111 0.21 -4.84 -43.88
C ILE A 111 0.97 -4.79 -45.21
N SER A 112 1.57 -3.65 -45.48
CA SER A 112 2.35 -3.37 -46.67
C SER A 112 2.05 -4.33 -47.81
N GLU A 113 2.85 -5.37 -47.97
CA GLU A 113 2.61 -6.28 -49.05
C GLU A 113 2.95 -7.63 -48.57
N LYS A 114 2.37 -8.11 -47.47
CA LYS A 114 2.72 -9.44 -47.03
C LYS A 114 1.85 -10.51 -47.67
N THR A 115 2.37 -11.74 -47.66
CA THR A 115 1.65 -12.86 -48.22
C THR A 115 1.01 -13.48 -46.99
N SER A 116 -0.14 -14.07 -47.22
CA SER A 116 -0.89 -14.73 -46.17
C SER A 116 -0.01 -15.69 -45.38
N ASP A 117 0.97 -16.30 -46.03
CA ASP A 117 1.83 -17.25 -45.35
C ASP A 117 2.76 -16.55 -44.33
N GLN A 118 3.06 -15.27 -44.57
CA GLN A 118 3.93 -14.51 -43.66
C GLN A 118 3.22 -14.13 -42.39
N ILE A 119 1.92 -13.92 -42.50
CA ILE A 119 1.11 -13.56 -41.36
C ILE A 119 1.24 -14.55 -40.23
N HIS A 120 1.35 -15.83 -40.57
CA HIS A 120 1.50 -16.88 -39.57
C HIS A 120 2.87 -16.78 -38.91
N PHE A 121 3.84 -16.21 -39.64
CA PHE A 121 5.15 -16.03 -39.04
C PHE A 121 5.08 -14.89 -38.03
N PHE A 122 4.33 -13.84 -38.37
CA PHE A 122 4.18 -12.70 -37.48
C PHE A 122 3.44 -13.12 -36.22
N PHE A 123 2.52 -14.07 -36.35
CA PHE A 123 1.79 -14.55 -35.19
C PHE A 123 2.69 -15.42 -34.31
N ALA A 124 3.61 -16.15 -34.93
CA ALA A 124 4.52 -16.98 -34.15
C ALA A 124 5.23 -16.01 -33.23
N LYS A 125 5.76 -14.94 -33.82
CA LYS A 125 6.48 -13.91 -33.09
C LYS A 125 5.58 -13.30 -32.02
N LEU A 126 4.36 -12.93 -32.41
CA LEU A 126 3.42 -12.33 -31.47
C LEU A 126 3.06 -13.27 -30.32
N ASN A 127 2.61 -14.47 -30.66
CA ASN A 127 2.22 -15.45 -29.66
C ASN A 127 3.34 -15.89 -28.72
N CYS A 128 4.57 -15.90 -29.23
CA CYS A 128 5.71 -16.27 -28.40
C CYS A 128 5.80 -15.31 -27.20
N ARG A 129 5.68 -14.01 -27.43
CA ARG A 129 5.78 -13.05 -26.33
C ARG A 129 4.56 -13.05 -25.41
N LEU A 130 3.37 -13.28 -25.97
CA LEU A 130 2.15 -13.26 -25.17
C LEU A 130 1.98 -14.41 -24.18
N TYR A 131 2.45 -15.60 -24.54
CA TYR A 131 2.27 -16.75 -23.67
C TYR A 131 3.56 -17.33 -23.13
N ARG A 132 4.66 -17.14 -23.86
CA ARG A 132 5.96 -17.64 -23.45
C ARG A 132 6.85 -16.67 -22.64
N LYS A 133 6.67 -15.35 -22.75
CA LYS A 133 7.47 -14.42 -21.92
C LYS A 133 6.45 -14.05 -20.85
N ALA A 134 6.89 -14.08 -19.59
CA ALA A 134 5.92 -13.97 -18.51
C ALA A 134 6.14 -13.39 -17.11
N ASN A 135 5.61 -14.26 -16.25
CA ASN A 135 5.50 -14.25 -14.82
C ASN A 135 4.19 -14.92 -14.39
N LYS A 136 4.28 -15.70 -13.32
CA LYS A 136 3.12 -16.35 -12.75
C LYS A 136 1.98 -15.31 -12.71
N ALA A 137 2.43 -14.07 -12.60
CA ALA A 137 1.56 -12.87 -12.53
C ALA A 137 1.34 -12.14 -13.84
N SER A 138 0.18 -12.35 -14.43
CA SER A 138 -0.11 -11.74 -15.75
C SER A 138 0.21 -12.66 -16.91
N LYS A 139 -0.25 -13.88 -16.71
CA LYS A 139 -0.09 -14.91 -17.71
C LYS A 139 -1.40 -14.86 -18.48
N LEU A 140 -1.34 -15.19 -19.76
CA LEU A 140 -2.54 -15.17 -20.59
C LEU A 140 -2.78 -16.60 -20.99
N VAL A 141 -4.02 -17.08 -20.89
CA VAL A 141 -4.29 -18.45 -21.28
C VAL A 141 -4.99 -18.44 -22.62
N SER A 142 -4.34 -19.07 -23.60
CA SER A 142 -4.87 -19.15 -24.96
C SER A 142 -5.70 -20.41 -25.25
N ALA A 143 -6.90 -20.20 -25.77
CA ALA A 143 -7.80 -21.30 -26.10
C ALA A 143 -8.26 -21.15 -27.55
N ASN A 144 -7.57 -21.83 -28.46
CA ASN A 144 -7.91 -21.78 -29.87
C ASN A 144 -8.01 -23.21 -30.33
N ARG A 145 -9.22 -23.63 -30.67
CA ARG A 145 -9.38 -25.00 -31.14
C ARG A 145 -10.45 -25.17 -32.21
N LEU A 146 -10.11 -25.96 -33.21
CA LEU A 146 -11.01 -26.22 -34.32
C LEU A 146 -11.48 -27.66 -34.19
N PHE A 147 -12.75 -27.81 -33.83
CA PHE A 147 -13.35 -29.11 -33.65
C PHE A 147 -13.98 -29.65 -34.92
N GLY A 148 -13.49 -30.81 -35.37
CA GLY A 148 -14.00 -31.43 -36.57
C GLY A 148 -14.47 -32.86 -36.36
N ASP A 149 -15.59 -33.20 -36.99
CA ASP A 149 -16.14 -34.55 -36.88
C ASP A 149 -15.05 -35.55 -37.21
N LYS A 150 -15.10 -36.71 -36.56
CA LYS A 150 -14.13 -37.79 -36.73
C LYS A 150 -13.81 -38.14 -38.16
N SER A 151 -14.80 -38.01 -39.04
CA SER A 151 -14.60 -38.31 -40.45
C SER A 151 -13.62 -37.36 -41.15
N LEU A 152 -13.27 -36.25 -40.50
CA LEU A 152 -12.36 -35.28 -41.10
C LEU A 152 -10.91 -35.56 -40.70
N THR A 153 -10.02 -35.40 -41.67
CA THR A 153 -8.59 -35.58 -41.45
C THR A 153 -7.96 -34.25 -41.78
N PHE A 154 -7.16 -33.74 -40.88
CA PHE A 154 -6.50 -32.46 -41.11
C PHE A 154 -5.15 -32.71 -41.76
N ASN A 155 -4.79 -31.89 -42.73
CA ASN A 155 -3.54 -32.06 -43.41
C ASN A 155 -2.39 -32.00 -42.40
N GLU A 156 -1.38 -32.84 -42.58
CA GLU A 156 -0.25 -32.86 -41.65
C GLU A 156 0.41 -31.49 -41.48
N THR A 157 0.50 -30.75 -42.57
CA THR A 157 1.11 -29.43 -42.50
C THR A 157 0.22 -28.50 -41.68
N TYR A 158 -1.07 -28.69 -41.83
CA TYR A 158 -2.06 -27.89 -41.12
C TYR A 158 -1.98 -28.12 -39.60
N GLN A 159 -2.01 -29.38 -39.17
CA GLN A 159 -1.92 -29.70 -37.75
C GLN A 159 -0.59 -29.19 -37.23
N ASP A 160 0.48 -29.55 -37.92
CA ASP A 160 1.82 -29.15 -37.52
C ASP A 160 1.96 -27.68 -37.18
N ILE A 161 1.63 -26.83 -38.15
CA ILE A 161 1.72 -25.40 -37.99
C ILE A 161 0.74 -24.84 -36.96
N SER A 162 -0.47 -25.38 -36.89
CA SER A 162 -1.44 -24.91 -35.90
C SER A 162 -0.90 -25.21 -34.49
N GLU A 163 -0.10 -26.27 -34.39
CA GLU A 163 0.45 -26.64 -33.10
C GLU A 163 1.57 -25.68 -32.77
N LEU A 164 2.58 -25.66 -33.62
CA LEU A 164 3.76 -24.83 -33.43
C LEU A 164 3.49 -23.33 -33.27
N VAL A 165 2.61 -22.78 -34.10
CA VAL A 165 2.33 -21.35 -34.06
C VAL A 165 1.23 -20.93 -33.12
N TYR A 166 0.15 -21.68 -33.09
CA TYR A 166 -0.99 -21.33 -32.26
C TYR A 166 -1.21 -22.25 -31.06
N GLY A 167 -0.34 -23.23 -30.87
CA GLY A 167 -0.49 -24.16 -29.76
C GLY A 167 -1.92 -24.72 -29.77
N ALA A 168 -2.48 -24.81 -30.97
CA ALA A 168 -3.83 -25.28 -31.15
C ALA A 168 -3.85 -26.67 -31.77
N LYS A 169 -4.84 -27.43 -31.32
CA LYS A 169 -5.05 -28.78 -31.77
C LYS A 169 -6.29 -28.79 -32.66
N LEU A 170 -6.25 -29.61 -33.70
CA LEU A 170 -7.37 -29.78 -34.60
C LEU A 170 -7.97 -31.08 -34.04
N GLN A 171 -8.85 -30.93 -33.07
CA GLN A 171 -9.46 -32.05 -32.35
C GLN A 171 -10.71 -32.70 -32.93
N PRO A 172 -10.61 -34.00 -33.30
CA PRO A 172 -11.71 -34.77 -33.87
C PRO A 172 -12.69 -35.16 -32.77
N LEU A 173 -13.98 -35.00 -33.02
CA LEU A 173 -15.00 -35.36 -32.06
C LEU A 173 -16.10 -36.02 -32.86
N ASP A 174 -16.72 -37.03 -32.27
CA ASP A 174 -17.79 -37.75 -32.94
C ASP A 174 -19.11 -36.97 -32.94
N PHE A 175 -19.21 -35.99 -33.83
CA PHE A 175 -20.42 -35.17 -33.94
C PHE A 175 -21.63 -35.90 -34.50
N LYS A 176 -21.38 -36.84 -35.42
CA LYS A 176 -22.45 -37.60 -36.04
C LYS A 176 -23.39 -38.30 -35.05
N GLU A 177 -22.86 -39.22 -34.25
CA GLU A 177 -23.71 -39.93 -33.29
C GLU A 177 -23.51 -39.56 -31.83
N ASN A 178 -22.54 -38.68 -31.56
CA ASN A 178 -22.24 -38.25 -30.20
C ASN A 178 -22.14 -36.72 -30.12
N ALA A 179 -23.07 -36.04 -30.78
CA ALA A 179 -23.09 -34.59 -30.81
C ALA A 179 -23.12 -33.93 -29.43
N GLU A 180 -24.07 -34.34 -28.61
CA GLU A 180 -24.22 -33.79 -27.27
C GLU A 180 -23.03 -34.00 -26.35
N GLN A 181 -22.48 -35.21 -26.33
CA GLN A 181 -21.33 -35.50 -25.48
C GLN A 181 -20.07 -34.78 -25.96
N SER A 182 -20.08 -34.31 -27.20
CA SER A 182 -18.94 -33.58 -27.73
C SER A 182 -19.08 -32.12 -27.29
N ARG A 183 -20.28 -31.58 -27.46
CA ARG A 183 -20.54 -30.22 -27.03
C ARG A 183 -20.10 -30.13 -25.58
N ALA A 184 -20.48 -31.13 -24.79
CA ALA A 184 -20.14 -31.18 -23.37
C ALA A 184 -18.64 -31.25 -23.18
N ALA A 185 -17.96 -31.95 -24.08
CA ALA A 185 -16.51 -32.08 -24.01
C ALA A 185 -15.86 -30.76 -24.38
N ILE A 186 -16.48 -30.04 -25.31
CA ILE A 186 -15.96 -28.74 -25.74
C ILE A 186 -16.09 -27.77 -24.58
N ASN A 187 -17.27 -27.77 -23.96
CA ASN A 187 -17.51 -26.88 -22.85
C ASN A 187 -16.58 -27.16 -21.68
N LYS A 188 -16.25 -28.43 -21.47
CA LYS A 188 -15.36 -28.79 -20.37
C LYS A 188 -13.94 -28.32 -20.65
N TRP A 189 -13.48 -28.51 -21.89
CA TRP A 189 -12.14 -28.09 -22.25
C TRP A 189 -11.96 -26.58 -22.01
N VAL A 190 -12.91 -25.78 -22.49
CA VAL A 190 -12.83 -24.33 -22.31
C VAL A 190 -12.85 -23.96 -20.82
N SER A 191 -13.83 -24.50 -20.11
CA SER A 191 -13.97 -24.27 -18.68
C SER A 191 -12.63 -24.54 -17.97
N ASN A 192 -11.97 -25.63 -18.36
CA ASN A 192 -10.70 -26.00 -17.78
C ASN A 192 -9.63 -24.96 -18.11
N LYS A 193 -9.79 -24.28 -19.24
CA LYS A 193 -8.81 -23.26 -19.63
C LYS A 193 -9.11 -21.92 -18.96
N THR A 194 -10.38 -21.66 -18.67
CA THR A 194 -10.77 -20.40 -18.03
C THR A 194 -10.92 -20.58 -16.52
N GLU A 195 -10.24 -21.57 -15.96
CA GLU A 195 -10.31 -21.84 -14.53
C GLU A 195 -11.76 -21.89 -14.04
N GLY A 196 -12.65 -22.37 -14.89
CA GLY A 196 -14.04 -22.48 -14.52
C GLY A 196 -14.92 -21.27 -14.74
N ARG A 197 -14.33 -20.12 -15.04
CA ARG A 197 -15.13 -18.91 -15.24
C ARG A 197 -16.08 -18.99 -16.45
N ILE A 198 -15.61 -19.57 -17.55
CA ILE A 198 -16.45 -19.73 -18.75
C ILE A 198 -16.78 -21.22 -18.89
N THR A 199 -18.05 -21.55 -18.71
CA THR A 199 -18.48 -22.95 -18.76
C THR A 199 -19.43 -23.37 -19.88
N ASP A 200 -19.81 -22.42 -20.74
CA ASP A 200 -20.73 -22.74 -21.83
C ASP A 200 -20.46 -21.95 -23.11
N VAL A 201 -19.23 -22.03 -23.61
CA VAL A 201 -18.90 -21.33 -24.84
C VAL A 201 -19.89 -21.76 -25.93
N ILE A 202 -20.29 -23.03 -25.90
CA ILE A 202 -21.24 -23.60 -26.86
C ILE A 202 -22.64 -23.65 -26.23
N PRO A 203 -23.57 -22.83 -26.72
CA PRO A 203 -24.95 -22.79 -26.21
C PRO A 203 -25.75 -24.07 -26.44
N SER A 204 -26.81 -24.24 -25.66
CA SER A 204 -27.67 -25.42 -25.75
C SER A 204 -28.20 -25.61 -27.17
N GLU A 205 -28.03 -26.83 -27.69
CA GLU A 205 -28.48 -27.21 -29.03
C GLU A 205 -27.88 -26.35 -30.14
N ALA A 206 -26.58 -26.47 -30.33
CA ALA A 206 -25.88 -25.72 -31.37
C ALA A 206 -24.97 -26.69 -32.11
N ILE A 207 -24.96 -27.92 -31.63
CA ILE A 207 -24.15 -28.98 -32.22
C ILE A 207 -25.01 -30.24 -32.40
N ASN A 208 -25.33 -30.57 -33.64
CA ASN A 208 -26.13 -31.75 -33.94
C ASN A 208 -25.35 -32.72 -34.83
N GLU A 209 -26.02 -33.76 -35.32
CA GLU A 209 -25.37 -34.76 -36.17
C GLU A 209 -24.96 -34.18 -37.51
N LEU A 210 -25.37 -32.93 -37.76
CA LEU A 210 -25.04 -32.26 -39.02
C LEU A 210 -23.90 -31.26 -38.87
N THR A 211 -23.29 -31.24 -37.68
CA THR A 211 -22.17 -30.35 -37.42
C THR A 211 -20.90 -30.93 -38.00
N VAL A 212 -20.13 -30.09 -38.68
CA VAL A 212 -18.89 -30.51 -39.33
C VAL A 212 -17.66 -29.89 -38.67
N LEU A 213 -17.63 -28.56 -38.64
CA LEU A 213 -16.51 -27.83 -38.08
C LEU A 213 -16.94 -26.71 -37.16
N VAL A 214 -16.37 -26.70 -35.95
CA VAL A 214 -16.70 -25.66 -34.99
C VAL A 214 -15.42 -25.03 -34.48
N LEU A 215 -15.32 -23.72 -34.64
CA LEU A 215 -14.17 -22.95 -34.20
C LEU A 215 -14.49 -22.42 -32.82
N VAL A 216 -13.54 -22.60 -31.91
CA VAL A 216 -13.71 -22.16 -30.54
C VAL A 216 -12.48 -21.46 -30.02
N ASN A 217 -12.69 -20.30 -29.41
CA ASN A 217 -11.59 -19.50 -28.89
C ASN A 217 -11.98 -18.53 -27.78
N THR A 218 -11.04 -18.36 -26.85
CA THR A 218 -11.17 -17.43 -25.73
C THR A 218 -9.78 -17.16 -25.18
N ILE A 219 -9.69 -16.12 -24.36
CA ILE A 219 -8.45 -15.80 -23.70
C ILE A 219 -8.87 -15.50 -22.27
N TYR A 220 -8.12 -16.07 -21.33
CA TYR A 220 -8.38 -15.90 -19.92
C TYR A 220 -7.29 -15.09 -19.27
N PHE A 221 -7.70 -14.10 -18.48
CA PHE A 221 -6.75 -13.25 -17.78
C PHE A 221 -7.23 -12.90 -16.39
N LYS A 222 -6.34 -13.08 -15.42
CA LYS A 222 -6.65 -12.71 -14.05
C LYS A 222 -5.41 -11.96 -13.59
N GLY A 223 -5.61 -10.75 -13.12
CA GLY A 223 -4.49 -9.95 -12.68
C GLY A 223 -4.90 -9.06 -11.54
N LEU A 224 -3.92 -8.70 -10.74
CA LEU A 224 -4.15 -7.84 -9.59
C LEU A 224 -3.73 -6.43 -9.95
N TRP A 225 -4.49 -5.47 -9.46
CA TRP A 225 -4.18 -4.08 -9.71
C TRP A 225 -2.81 -3.79 -9.11
N LYS A 226 -2.00 -3.01 -9.78
CA LYS A 226 -0.69 -2.63 -9.23
C LYS A 226 -1.00 -1.71 -8.04
N SER A 227 -2.11 -1.00 -8.15
CA SER A 227 -2.56 -0.09 -7.10
C SER A 227 -4.04 -0.34 -6.75
N LYS A 228 -4.24 -1.24 -5.80
CA LYS A 228 -5.56 -1.63 -5.36
C LYS A 228 -6.42 -0.55 -4.71
N PHE A 229 -7.70 -0.83 -4.61
CA PHE A 229 -8.62 0.07 -3.97
C PHE A 229 -8.87 -0.64 -2.65
N SER A 230 -9.37 0.09 -1.66
CA SER A 230 -9.66 -0.55 -0.38
C SER A 230 -11.15 -0.71 -0.27
N PRO A 231 -11.61 -1.93 0.06
CA PRO A 231 -13.05 -2.21 0.21
C PRO A 231 -13.71 -1.21 1.15
N GLU A 232 -12.98 -0.80 2.18
CA GLU A 232 -13.51 0.14 3.15
C GLU A 232 -13.91 1.48 2.54
N ASN A 233 -13.34 1.83 1.40
CA ASN A 233 -13.69 3.10 0.77
C ASN A 233 -14.74 2.93 -0.32
N THR A 234 -15.13 1.68 -0.57
CA THR A 234 -16.13 1.38 -1.58
C THR A 234 -17.50 1.68 -0.98
N ARG A 235 -18.40 2.25 -1.77
CA ARG A 235 -19.73 2.56 -1.26
C ARG A 235 -20.80 2.75 -2.35
N LYS A 236 -22.05 2.44 -2.01
CA LYS A 236 -23.15 2.57 -2.95
C LYS A 236 -23.24 4.00 -3.50
N GLU A 237 -23.17 4.14 -4.81
CA GLU A 237 -23.26 5.44 -5.47
C GLU A 237 -24.13 5.27 -6.71
N LEU A 238 -24.72 6.37 -7.17
CA LEU A 238 -25.58 6.33 -8.35
C LEU A 238 -24.85 6.39 -9.67
N PHE A 239 -25.22 5.47 -10.56
CA PHE A 239 -24.66 5.38 -11.90
C PHE A 239 -25.72 5.90 -12.87
N TYR A 240 -25.31 6.74 -13.81
CA TYR A 240 -26.24 7.32 -14.77
C TYR A 240 -26.18 6.67 -16.15
N LYS A 241 -27.12 5.74 -16.39
CA LYS A 241 -27.22 4.99 -17.63
C LYS A 241 -27.65 5.84 -18.81
N ALA A 242 -27.42 5.34 -20.02
CA ALA A 242 -27.77 6.05 -21.25
C ALA A 242 -29.27 6.36 -21.35
N ASP A 243 -30.09 5.54 -20.71
CA ASP A 243 -31.54 5.73 -20.75
C ASP A 243 -32.11 6.72 -19.74
N GLY A 244 -31.28 7.63 -19.22
CA GLY A 244 -31.75 8.62 -18.25
C GLY A 244 -31.90 8.09 -16.83
N GLU A 245 -32.35 6.84 -16.68
CA GLU A 245 -32.50 6.25 -15.36
C GLU A 245 -31.13 6.12 -14.70
N SER A 246 -31.14 5.89 -13.38
CA SER A 246 -29.91 5.74 -12.62
C SER A 246 -30.08 4.58 -11.65
N CYS A 247 -28.97 3.97 -11.28
CA CYS A 247 -29.01 2.83 -10.37
C CYS A 247 -27.87 2.82 -9.36
N SER A 248 -28.01 1.97 -8.34
CA SER A 248 -27.02 1.87 -7.30
C SER A 248 -25.85 0.96 -7.65
N ALA A 249 -24.65 1.53 -7.66
CA ALA A 249 -23.46 0.76 -7.99
C ALA A 249 -22.45 0.76 -6.83
N SER A 250 -21.59 -0.25 -6.80
CA SER A 250 -20.55 -0.36 -5.79
C SER A 250 -19.38 0.42 -6.35
N MET A 251 -19.31 1.70 -5.99
CA MET A 251 -18.26 2.58 -6.45
C MET A 251 -16.98 2.43 -5.61
N MET A 252 -15.87 2.13 -6.28
CA MET A 252 -14.59 1.99 -5.59
C MET A 252 -13.94 3.37 -5.60
N TYR A 253 -12.97 3.58 -4.71
CA TYR A 253 -12.30 4.86 -4.60
C TYR A 253 -10.86 4.80 -4.13
N GLN A 254 -10.03 5.66 -4.70
CA GLN A 254 -8.64 5.76 -4.31
C GLN A 254 -8.02 6.97 -4.97
N GLU A 255 -6.85 7.34 -4.46
CA GLU A 255 -6.08 8.44 -4.98
C GLU A 255 -4.70 7.84 -5.21
N GLY A 256 -4.10 8.18 -6.34
CA GLY A 256 -2.80 7.66 -6.64
C GLY A 256 -2.29 8.25 -7.94
N LYS A 257 -1.12 7.77 -8.36
CA LYS A 257 -0.49 8.22 -9.58
C LYS A 257 -0.88 7.26 -10.72
N PHE A 258 -1.49 7.84 -11.76
CA PHE A 258 -1.96 7.10 -12.92
C PHE A 258 -1.70 7.87 -14.20
N ARG A 259 -1.41 7.16 -15.28
CA ARG A 259 -1.19 7.82 -16.55
C ARG A 259 -2.56 8.30 -16.95
N TYR A 260 -2.66 9.55 -17.37
CA TYR A 260 -3.95 10.14 -17.70
C TYR A 260 -3.84 11.23 -18.76
N ARG A 261 -4.99 11.71 -19.20
CA ARG A 261 -5.05 12.78 -20.18
C ARG A 261 -6.49 13.09 -20.58
N ARG A 262 -6.88 14.36 -20.52
CA ARG A 262 -8.22 14.71 -20.94
C ARG A 262 -8.00 15.06 -22.40
N VAL A 263 -8.75 14.41 -23.28
CA VAL A 263 -8.59 14.65 -24.71
C VAL A 263 -9.82 15.35 -25.33
N ALA A 264 -9.84 15.38 -26.65
CA ALA A 264 -10.92 16.01 -27.42
C ALA A 264 -12.30 15.96 -26.79
N GLU A 265 -12.97 17.10 -26.83
CA GLU A 265 -14.32 17.27 -26.30
C GLU A 265 -14.52 16.81 -24.87
N GLY A 266 -13.46 16.89 -24.08
CA GLY A 266 -13.56 16.52 -22.68
C GLY A 266 -13.61 15.06 -22.30
N THR A 267 -13.10 14.18 -23.18
CA THR A 267 -13.10 12.76 -22.86
C THR A 267 -11.85 12.47 -21.99
N GLN A 268 -12.08 11.81 -20.86
CA GLN A 268 -11.00 11.45 -19.95
C GLN A 268 -10.49 10.04 -20.21
N VAL A 269 -9.17 9.91 -20.33
CA VAL A 269 -8.55 8.62 -20.55
C VAL A 269 -7.71 8.31 -19.32
N LEU A 270 -7.92 7.13 -18.73
CA LEU A 270 -7.19 6.70 -17.53
C LEU A 270 -6.62 5.30 -17.71
N GLU A 271 -5.36 5.09 -17.32
CA GLU A 271 -4.78 3.77 -17.42
C GLU A 271 -4.45 3.17 -16.04
N LEU A 272 -5.09 2.06 -15.72
CA LEU A 272 -4.86 1.36 -14.45
C LEU A 272 -4.04 0.11 -14.74
N PRO A 273 -2.75 0.11 -14.35
CA PRO A 273 -1.90 -1.04 -14.61
C PRO A 273 -2.08 -2.22 -13.65
N PHE A 274 -1.79 -3.42 -14.14
CA PHE A 274 -1.89 -4.63 -13.35
C PHE A 274 -0.48 -4.95 -12.88
N LYS A 275 -0.38 -5.77 -11.83
CA LYS A 275 0.93 -6.17 -11.33
C LYS A 275 1.66 -6.75 -12.54
N GLY A 276 2.93 -6.41 -12.69
CA GLY A 276 3.70 -6.92 -13.82
C GLY A 276 4.02 -5.83 -14.84
N ASP A 277 3.19 -4.80 -14.89
CA ASP A 277 3.36 -3.66 -15.79
C ASP A 277 3.07 -3.92 -17.27
N ASP A 278 3.21 -5.14 -17.72
CA ASP A 278 2.99 -5.47 -19.13
C ASP A 278 1.53 -5.30 -19.58
N ILE A 279 0.60 -5.57 -18.67
CA ILE A 279 -0.81 -5.50 -18.99
C ILE A 279 -1.55 -4.42 -18.21
N THR A 280 -2.36 -3.62 -18.88
CA THR A 280 -3.08 -2.56 -18.20
C THR A 280 -4.54 -2.44 -18.63
N MET A 281 -5.33 -1.78 -17.80
CA MET A 281 -6.72 -1.54 -18.13
C MET A 281 -6.83 -0.06 -18.48
N VAL A 282 -7.36 0.23 -19.66
CA VAL A 282 -7.53 1.61 -20.07
C VAL A 282 -9.02 1.94 -20.05
N LEU A 283 -9.40 3.05 -19.44
CA LEU A 283 -10.80 3.43 -19.39
C LEU A 283 -11.04 4.71 -20.17
N ILE A 284 -12.04 4.72 -21.04
CA ILE A 284 -12.37 5.92 -21.81
C ILE A 284 -13.72 6.43 -21.31
N LEU A 285 -13.73 7.66 -20.79
CA LEU A 285 -14.93 8.25 -20.23
C LEU A 285 -15.23 9.61 -20.83
N PRO A 286 -16.32 9.73 -21.61
CA PRO A 286 -16.66 11.02 -22.21
C PRO A 286 -17.26 11.97 -21.17
N LYS A 287 -17.30 13.26 -21.48
CA LYS A 287 -17.88 14.21 -20.55
C LYS A 287 -19.38 13.94 -20.43
N PRO A 288 -20.00 14.42 -19.36
CA PRO A 288 -21.44 14.19 -19.18
C PRO A 288 -22.26 14.60 -20.41
N GLU A 289 -21.91 15.76 -20.96
CA GLU A 289 -22.59 16.31 -22.13
C GLU A 289 -22.58 15.38 -23.35
N LYS A 290 -21.49 14.61 -23.51
CA LYS A 290 -21.35 13.72 -24.65
C LYS A 290 -21.74 12.26 -24.40
N SER A 291 -22.18 11.61 -25.46
CA SER A 291 -22.63 10.21 -25.40
C SER A 291 -21.50 9.25 -25.71
N LEU A 292 -21.48 8.12 -25.02
CA LEU A 292 -20.46 7.11 -25.26
C LEU A 292 -20.60 6.61 -26.69
N ALA A 293 -21.83 6.67 -27.19
CA ALA A 293 -22.16 6.24 -28.55
C ALA A 293 -21.36 7.06 -29.54
N LYS A 294 -21.35 8.37 -29.33
CA LYS A 294 -20.61 9.28 -30.19
C LYS A 294 -19.12 8.99 -30.13
N VAL A 295 -18.60 8.68 -28.94
CA VAL A 295 -17.18 8.38 -28.83
C VAL A 295 -16.87 7.06 -29.54
N GLU A 296 -17.83 6.14 -29.54
CA GLU A 296 -17.66 4.84 -30.20
C GLU A 296 -17.54 4.96 -31.72
N LYS A 297 -18.33 5.84 -32.31
CA LYS A 297 -18.30 6.04 -33.76
C LYS A 297 -17.04 6.79 -34.15
N GLU A 298 -16.52 7.60 -33.24
CA GLU A 298 -15.33 8.40 -33.52
C GLU A 298 -14.01 7.69 -33.20
N LEU A 299 -14.06 6.68 -32.32
CA LEU A 299 -12.85 5.97 -31.98
C LEU A 299 -12.27 5.16 -33.12
N THR A 300 -11.18 5.65 -33.70
CA THR A 300 -10.51 4.95 -34.78
C THR A 300 -9.16 4.44 -34.24
N PRO A 301 -8.56 3.47 -34.93
CA PRO A 301 -7.27 2.94 -34.47
C PRO A 301 -6.21 4.03 -34.24
N GLU A 302 -6.25 5.05 -35.09
CA GLU A 302 -5.29 6.15 -34.96
C GLU A 302 -5.69 7.14 -33.86
N VAL A 303 -6.97 7.40 -33.71
CA VAL A 303 -7.39 8.30 -32.65
C VAL A 303 -7.02 7.66 -31.33
N LEU A 304 -7.36 6.38 -31.19
CA LEU A 304 -7.07 5.66 -29.96
C LEU A 304 -5.57 5.70 -29.65
N GLN A 305 -4.75 5.37 -30.65
CA GLN A 305 -3.32 5.38 -30.46
C GLN A 305 -2.79 6.77 -30.08
N GLU A 306 -3.32 7.81 -30.70
CA GLU A 306 -2.87 9.17 -30.39
C GLU A 306 -3.16 9.45 -28.91
N TRP A 307 -4.35 9.06 -28.45
CA TRP A 307 -4.73 9.27 -27.06
C TRP A 307 -3.79 8.60 -26.09
N LEU A 308 -3.46 7.33 -26.35
CA LEU A 308 -2.55 6.61 -25.47
C LEU A 308 -1.21 7.33 -25.38
N ASP A 309 -0.79 7.95 -26.49
CA ASP A 309 0.48 8.68 -26.54
C ASP A 309 0.48 9.98 -25.72
N GLU A 310 -0.70 10.51 -25.40
CA GLU A 310 -0.79 11.76 -24.63
C GLU A 310 -0.77 11.54 -23.13
N LEU A 311 -0.94 10.31 -22.69
CA LEU A 311 -0.97 9.98 -21.26
C LEU A 311 0.32 10.30 -20.50
N GLU A 312 0.17 10.75 -19.25
CA GLU A 312 1.30 11.08 -18.40
C GLU A 312 0.99 10.74 -16.93
N GLU A 313 2.00 10.35 -16.17
CA GLU A 313 1.76 10.03 -14.78
C GLU A 313 1.14 11.25 -14.10
N MET A 314 0.23 11.03 -13.18
CA MET A 314 -0.41 12.13 -12.50
C MET A 314 -1.16 11.66 -11.27
N MET A 315 -1.26 12.53 -10.28
CA MET A 315 -1.97 12.22 -9.05
C MET A 315 -3.40 12.64 -9.24
N LEU A 316 -4.32 11.72 -9.03
CA LEU A 316 -5.70 12.07 -9.18
C LEU A 316 -6.58 11.19 -8.35
N VAL A 317 -7.84 11.56 -8.31
CA VAL A 317 -8.83 10.82 -7.57
C VAL A 317 -9.54 9.96 -8.59
N VAL A 318 -9.74 8.69 -8.23
CA VAL A 318 -10.39 7.76 -9.12
C VAL A 318 -11.61 7.12 -8.48
N HIS A 319 -12.76 7.28 -9.13
CA HIS A 319 -13.98 6.63 -8.67
C HIS A 319 -14.39 5.71 -9.82
N MET A 320 -14.33 4.40 -9.60
CA MET A 320 -14.74 3.46 -10.63
C MET A 320 -15.55 2.35 -9.98
N PRO A 321 -16.64 1.95 -10.65
CA PRO A 321 -17.52 0.91 -10.10
C PRO A 321 -16.97 -0.49 -10.28
N ARG A 322 -17.42 -1.41 -9.41
CA ARG A 322 -17.02 -2.81 -9.53
C ARG A 322 -17.96 -3.29 -10.65
N PHE A 323 -17.59 -4.37 -11.32
CA PHE A 323 -18.44 -4.92 -12.38
C PHE A 323 -18.01 -6.28 -12.85
N ARG A 324 -19.00 -7.01 -13.34
CA ARG A 324 -18.82 -8.36 -13.84
C ARG A 324 -19.53 -8.41 -15.19
N ILE A 325 -18.76 -8.72 -16.23
CA ILE A 325 -19.33 -8.83 -17.57
C ILE A 325 -19.01 -10.20 -18.11
N GLU A 326 -20.03 -10.86 -18.64
CA GLU A 326 -19.86 -12.17 -19.23
C GLU A 326 -20.61 -12.13 -20.54
N ASP A 327 -19.87 -12.06 -21.63
CA ASP A 327 -20.45 -11.97 -22.96
C ASP A 327 -20.09 -13.16 -23.84
N GLY A 328 -21.11 -13.84 -24.34
CA GLY A 328 -20.90 -14.97 -25.23
C GLY A 328 -21.29 -14.54 -26.64
N PHE A 329 -20.52 -15.00 -27.63
CA PHE A 329 -20.77 -14.67 -29.03
C PHE A 329 -20.85 -15.86 -29.98
N SER A 330 -21.73 -15.72 -30.97
CA SER A 330 -21.88 -16.70 -32.05
C SER A 330 -21.46 -15.78 -33.21
N LEU A 331 -20.21 -15.92 -33.63
CA LEU A 331 -19.61 -15.05 -34.64
C LEU A 331 -20.04 -15.09 -36.10
N LYS A 332 -20.55 -16.22 -36.59
CA LYS A 332 -20.93 -16.33 -37.99
C LYS A 332 -21.76 -15.15 -38.53
N GLU A 333 -22.88 -14.87 -37.87
CA GLU A 333 -23.75 -13.80 -38.32
C GLU A 333 -23.02 -12.48 -38.62
N GLN A 334 -22.35 -11.90 -37.63
CA GLN A 334 -21.65 -10.63 -37.83
C GLN A 334 -20.48 -10.73 -38.80
N LEU A 335 -19.67 -11.77 -38.65
CA LEU A 335 -18.53 -11.94 -39.55
C LEU A 335 -18.98 -12.02 -41.01
N GLN A 336 -20.10 -12.71 -41.27
CA GLN A 336 -20.62 -12.81 -42.64
C GLN A 336 -21.02 -11.44 -43.11
N ASP A 337 -21.74 -10.73 -42.26
CA ASP A 337 -22.20 -9.42 -42.62
C ASP A 337 -21.02 -8.45 -42.78
N MET A 338 -19.82 -8.93 -42.50
CA MET A 338 -18.63 -8.11 -42.62
C MET A 338 -17.75 -8.51 -43.78
N GLY A 339 -18.19 -9.51 -44.56
CA GLY A 339 -17.42 -9.95 -45.71
C GLY A 339 -16.79 -11.32 -45.65
N LEU A 340 -16.98 -12.02 -44.52
CA LEU A 340 -16.42 -13.36 -44.39
C LEU A 340 -17.57 -14.29 -44.76
N VAL A 341 -17.68 -14.58 -46.06
CA VAL A 341 -18.77 -15.41 -46.57
C VAL A 341 -18.43 -16.87 -46.87
N ASP A 342 -17.56 -17.08 -47.85
CA ASP A 342 -17.18 -18.44 -48.25
C ASP A 342 -16.93 -19.42 -47.13
N LEU A 343 -16.14 -19.01 -46.15
CA LEU A 343 -15.80 -19.87 -45.02
C LEU A 343 -16.97 -20.63 -44.40
N PHE A 344 -18.14 -20.00 -44.38
CA PHE A 344 -19.33 -20.61 -43.80
C PHE A 344 -20.26 -21.17 -44.86
N SER A 345 -19.79 -21.23 -46.11
CA SER A 345 -20.63 -21.73 -47.19
C SER A 345 -20.19 -23.07 -47.76
N PRO A 346 -21.09 -24.07 -47.74
CA PRO A 346 -20.82 -25.41 -48.25
C PRO A 346 -20.46 -25.45 -49.75
N GLU A 347 -21.03 -24.53 -50.53
CA GLU A 347 -20.76 -24.48 -51.96
C GLU A 347 -19.48 -23.70 -52.28
N LYS A 348 -19.28 -22.58 -51.58
CA LYS A 348 -18.12 -21.71 -51.82
C LYS A 348 -16.86 -21.99 -50.99
N SER A 349 -17.03 -22.57 -49.82
CA SER A 349 -15.89 -22.85 -48.94
C SER A 349 -14.76 -23.63 -49.57
N LYS A 350 -13.55 -23.11 -49.41
CA LYS A 350 -12.34 -23.73 -49.92
C LYS A 350 -11.32 -23.95 -48.79
N LEU A 351 -11.49 -25.03 -48.04
CA LEU A 351 -10.59 -25.39 -46.94
C LEU A 351 -9.90 -26.69 -47.30
N PRO A 352 -8.98 -26.66 -48.27
CA PRO A 352 -8.23 -27.84 -48.72
C PRO A 352 -7.24 -28.39 -47.70
N GLY A 353 -7.36 -27.95 -46.45
CA GLY A 353 -6.47 -28.44 -45.42
C GLY A 353 -7.22 -29.51 -44.64
N ILE A 354 -8.54 -29.51 -44.85
CA ILE A 354 -9.44 -30.45 -44.23
C ILE A 354 -10.01 -31.35 -45.31
N VAL A 355 -9.96 -32.67 -45.06
CA VAL A 355 -10.42 -33.67 -46.00
C VAL A 355 -11.30 -34.73 -45.33
N ALA A 356 -12.32 -35.19 -46.05
CA ALA A 356 -13.24 -36.20 -45.56
C ALA A 356 -13.57 -37.18 -46.68
N GLU A 357 -13.47 -38.47 -46.37
CA GLU A 357 -13.75 -39.53 -47.33
C GLU A 357 -14.95 -39.24 -48.22
N GLY A 358 -14.68 -38.98 -49.49
CA GLY A 358 -15.75 -38.70 -50.43
C GLY A 358 -16.78 -37.74 -49.90
N ARG A 359 -16.34 -36.77 -49.10
CA ARG A 359 -17.27 -35.78 -48.55
C ARG A 359 -17.29 -34.58 -49.47
N ASP A 360 -18.49 -34.28 -49.96
CA ASP A 360 -18.70 -33.18 -50.88
C ASP A 360 -18.00 -31.89 -50.47
N ASP A 361 -18.67 -31.15 -49.58
CA ASP A 361 -18.22 -29.84 -49.12
C ASP A 361 -17.83 -29.70 -47.65
N LEU A 362 -16.65 -29.14 -47.40
CA LEU A 362 -16.14 -28.92 -46.07
C LEU A 362 -16.14 -27.44 -45.77
N TYR A 363 -16.84 -27.05 -44.71
CA TYR A 363 -16.96 -25.65 -44.31
C TYR A 363 -17.05 -25.51 -42.79
N VAL A 364 -16.97 -24.26 -42.32
CA VAL A 364 -17.06 -23.97 -40.89
C VAL A 364 -18.54 -23.80 -40.55
N SER A 365 -19.06 -24.68 -39.69
CA SER A 365 -20.47 -24.63 -39.31
C SER A 365 -20.77 -23.40 -38.48
N ASP A 366 -19.87 -23.10 -37.54
CA ASP A 366 -20.03 -21.95 -36.67
C ASP A 366 -18.76 -21.73 -35.86
N ALA A 367 -18.66 -20.58 -35.22
CA ALA A 367 -17.51 -20.24 -34.40
C ALA A 367 -18.02 -19.51 -33.17
N PHE A 368 -17.61 -19.99 -32.00
CA PHE A 368 -18.06 -19.38 -30.76
C PHE A 368 -16.91 -18.81 -29.96
N HIS A 369 -17.22 -17.73 -29.25
CA HIS A 369 -16.26 -17.00 -28.41
C HIS A 369 -16.97 -16.44 -27.19
N LYS A 370 -16.33 -16.58 -26.03
CA LYS A 370 -16.89 -16.04 -24.81
C LYS A 370 -15.81 -15.32 -24.04
N ALA A 371 -16.19 -14.25 -23.35
CA ALA A 371 -15.24 -13.46 -22.60
C ALA A 371 -15.76 -13.21 -21.19
N PHE A 372 -14.83 -13.14 -20.24
CA PHE A 372 -15.24 -12.92 -18.86
C PHE A 372 -14.47 -11.83 -18.11
N LEU A 373 -15.14 -10.76 -17.73
CA LEU A 373 -14.48 -9.71 -16.97
C LEU A 373 -15.19 -9.45 -15.65
N GLU A 374 -14.42 -9.50 -14.58
CA GLU A 374 -14.89 -9.25 -13.23
C GLU A 374 -13.86 -8.30 -12.59
N VAL A 375 -14.30 -7.10 -12.21
CA VAL A 375 -13.42 -6.10 -11.61
C VAL A 375 -13.81 -5.77 -10.19
N ASN A 376 -12.82 -5.73 -9.32
CA ASN A 376 -13.05 -5.39 -7.92
C ASN A 376 -11.82 -4.71 -7.33
N GLU A 377 -11.89 -4.43 -6.03
CA GLU A 377 -10.79 -3.75 -5.35
C GLU A 377 -9.43 -4.41 -5.55
N GLU A 378 -9.41 -5.71 -5.74
CA GLU A 378 -8.14 -6.41 -5.93
C GLU A 378 -7.64 -6.38 -7.37
N GLY A 379 -8.58 -6.25 -8.30
CA GLY A 379 -8.26 -6.22 -9.71
C GLY A 379 -9.20 -7.06 -10.54
N SER A 380 -8.60 -7.88 -11.39
CA SER A 380 -9.33 -8.79 -12.29
C SER A 380 -9.06 -10.17 -11.73
N ALA A 381 -9.73 -10.52 -10.65
CA ALA A 381 -9.53 -11.81 -10.01
C ALA A 381 -10.48 -11.99 -8.83
N ALA A 382 -10.13 -12.89 -7.92
CA ALA A 382 -10.95 -13.17 -6.74
C ALA A 382 -10.91 -12.06 -5.69
N ALA A 383 -12.09 -11.65 -5.22
CA ALA A 383 -12.21 -10.61 -4.20
C ALA A 383 -11.50 -10.97 -2.88
N ALA A 384 -11.34 -9.98 -2.01
CA ALA A 384 -10.68 -10.16 -0.73
C ALA A 384 -11.10 -9.07 0.25
N SER A 385 -10.37 -8.95 1.36
CA SER A 385 -10.66 -7.94 2.38
C SER A 385 -9.51 -6.98 2.56
N THR A 386 -8.52 -7.06 1.69
CA THR A 386 -7.36 -6.20 1.78
C THR A 386 -7.76 -4.73 2.00
N ALA A 387 -7.36 -4.18 3.16
CA ALA A 387 -7.63 -2.77 3.48
C ALA A 387 -6.34 -2.01 3.11
N VAL A 388 -6.39 -0.68 3.14
CA VAL A 388 -5.19 0.10 2.78
C VAL A 388 -4.88 1.18 3.80
N VAL A 389 -3.59 1.34 4.14
CA VAL A 389 -3.18 2.36 5.10
C VAL A 389 -2.14 3.25 4.48
N ILE A 390 -2.45 4.54 4.33
CA ILE A 390 -1.54 5.50 3.74
C ILE A 390 -1.09 6.59 4.71
N ALA A 391 0.15 6.49 5.18
CA ALA A 391 0.65 7.47 6.14
C ALA A 391 1.53 8.61 5.60
N GLY A 392 1.34 9.78 6.18
CA GLY A 392 2.11 10.94 5.81
C GLY A 392 2.03 11.32 4.36
N ARG A 393 0.81 11.44 3.85
CA ARG A 393 0.56 11.83 2.48
C ARG A 393 -0.30 13.08 2.43
N SER A 394 0.18 14.06 1.68
CA SER A 394 -0.53 15.32 1.51
C SER A 394 -0.46 15.65 0.02
N LEU A 395 -1.58 15.47 -0.65
CA LEU A 395 -1.66 15.71 -2.09
C LEU A 395 -2.15 17.11 -2.46
N ASN A 396 -1.77 17.54 -3.65
CA ASN A 396 -2.16 18.85 -4.17
C ASN A 396 -3.67 19.00 -4.09
N PRO A 397 -4.15 20.04 -3.39
CA PRO A 397 -5.59 20.26 -3.26
C PRO A 397 -6.36 20.39 -4.58
N ASN A 398 -5.64 20.71 -5.65
CA ASN A 398 -6.25 20.86 -6.97
C ASN A 398 -5.82 19.79 -7.95
N ARG A 399 -6.05 18.54 -7.57
CA ARG A 399 -5.71 17.41 -8.41
C ARG A 399 -6.97 16.98 -9.14
N VAL A 400 -6.80 16.41 -10.33
CA VAL A 400 -7.91 15.97 -11.14
C VAL A 400 -8.65 14.76 -10.58
N THR A 401 -9.95 14.73 -10.82
CA THR A 401 -10.78 13.64 -10.35
C THR A 401 -11.38 12.93 -11.56
N PHE A 402 -11.46 11.61 -11.47
CA PHE A 402 -12.00 10.79 -12.55
C PHE A 402 -13.13 9.96 -11.94
N LYS A 403 -14.37 10.40 -12.17
CA LYS A 403 -15.54 9.73 -11.61
C LYS A 403 -16.35 9.05 -12.73
N ALA A 404 -16.17 7.74 -12.86
CA ALA A 404 -16.87 6.97 -13.89
C ALA A 404 -18.23 6.47 -13.40
N ASN A 405 -19.18 7.38 -13.30
CA ASN A 405 -20.52 6.99 -12.86
C ASN A 405 -21.48 7.09 -14.04
N ARG A 406 -20.92 6.94 -15.24
CA ARG A 406 -21.64 6.94 -16.50
C ARG A 406 -20.91 5.98 -17.45
N PRO A 407 -21.60 5.46 -18.49
CA PRO A 407 -20.94 4.53 -19.42
C PRO A 407 -19.55 4.93 -19.88
N PHE A 408 -18.65 3.97 -19.89
CA PHE A 408 -17.28 4.19 -20.34
C PHE A 408 -16.76 2.94 -21.04
N LEU A 409 -15.81 3.15 -21.95
CA LEU A 409 -15.21 2.06 -22.69
C LEU A 409 -14.15 1.40 -21.82
N VAL A 410 -13.73 0.22 -22.21
CA VAL A 410 -12.73 -0.53 -21.46
C VAL A 410 -11.81 -1.26 -22.41
N PHE A 411 -10.52 -1.17 -22.14
CA PHE A 411 -9.54 -1.89 -22.94
C PHE A 411 -8.59 -2.53 -21.97
N ILE A 412 -8.14 -3.74 -22.29
CA ILE A 412 -7.15 -4.42 -21.49
C ILE A 412 -6.08 -4.59 -22.57
N ARG A 413 -4.92 -3.95 -22.40
CA ARG A 413 -3.90 -4.08 -23.41
C ARG A 413 -2.57 -4.54 -22.87
N GLU A 414 -1.82 -5.16 -23.76
CA GLU A 414 -0.49 -5.65 -23.48
C GLU A 414 0.31 -4.49 -24.10
N VAL A 415 0.78 -3.60 -23.25
CA VAL A 415 1.52 -2.41 -23.70
C VAL A 415 2.79 -2.65 -24.50
N PRO A 416 3.71 -3.49 -24.02
CA PRO A 416 4.92 -3.67 -24.85
C PRO A 416 4.64 -4.18 -26.27
N LEU A 417 3.48 -4.81 -26.47
CA LEU A 417 3.14 -5.35 -27.80
C LEU A 417 2.00 -4.63 -28.50
N ASN A 418 1.65 -3.45 -28.01
CA ASN A 418 0.55 -2.66 -28.58
C ASN A 418 -0.62 -3.53 -29.01
N THR A 419 -0.97 -4.45 -28.12
CA THR A 419 -2.05 -5.36 -28.39
C THR A 419 -3.25 -5.12 -27.50
N ILE A 420 -4.42 -5.15 -28.13
CA ILE A 420 -5.66 -5.00 -27.42
C ILE A 420 -6.05 -6.45 -27.14
N ILE A 421 -6.01 -6.86 -25.89
CA ILE A 421 -6.36 -8.22 -25.54
C ILE A 421 -7.87 -8.35 -25.41
N PHE A 422 -8.48 -7.33 -24.82
CA PHE A 422 -9.91 -7.33 -24.59
C PHE A 422 -10.40 -5.93 -24.82
N MET A 423 -11.68 -5.77 -25.02
CA MET A 423 -12.23 -4.45 -25.19
C MET A 423 -13.67 -4.53 -24.77
N GLY A 424 -14.19 -3.46 -24.19
CA GLY A 424 -15.55 -3.55 -23.76
C GLY A 424 -16.20 -2.23 -23.50
N ARG A 425 -17.30 -2.33 -22.78
CA ARG A 425 -18.10 -1.19 -22.42
C ARG A 425 -18.86 -1.50 -21.15
N VAL A 426 -18.86 -0.54 -20.23
CA VAL A 426 -19.61 -0.69 -19.00
C VAL A 426 -20.69 0.36 -19.11
N ALA A 427 -21.87 -0.07 -19.56
CA ALA A 427 -23.00 0.82 -19.73
C ALA A 427 -23.96 0.68 -18.56
N ASN A 428 -23.73 -0.33 -17.74
CA ASN A 428 -24.58 -0.58 -16.57
C ASN A 428 -23.91 -1.64 -15.69
N PRO A 429 -23.29 -1.21 -14.59
CA PRO A 429 -22.61 -2.12 -13.65
C PRO A 429 -23.47 -2.56 -12.48
N CYS A 430 -24.66 -1.99 -12.38
CA CYS A 430 -25.58 -2.29 -11.29
C CYS A 430 -26.12 -3.71 -11.13
N VAL A 431 -26.69 -3.96 -9.96
CA VAL A 431 -27.28 -5.24 -9.59
C VAL A 431 -28.74 -5.04 -9.17
N VAL B 5 24.73 -5.43 45.98
CA VAL B 5 23.39 -6.07 45.85
C VAL B 5 22.86 -5.86 44.43
N ASP B 6 21.71 -6.47 44.13
CA ASP B 6 21.09 -6.38 42.81
C ASP B 6 19.60 -6.10 42.99
N ILE B 7 19.22 -4.83 42.82
CA ILE B 7 17.83 -4.40 42.99
C ILE B 7 16.78 -5.14 42.14
N CYS B 8 17.18 -5.59 40.95
CA CYS B 8 16.25 -6.30 40.09
C CYS B 8 15.80 -7.58 40.80
N THR B 9 16.70 -8.13 41.61
CA THR B 9 16.50 -9.36 42.37
C THR B 9 15.66 -9.18 43.65
N ALA B 10 16.05 -8.21 44.47
CA ALA B 10 15.42 -7.90 45.76
C ALA B 10 13.90 -7.80 45.83
N LYS B 11 13.42 -7.48 47.03
CA LYS B 11 12.00 -7.32 47.35
C LYS B 11 11.85 -6.06 48.20
N PRO B 12 10.60 -5.67 48.54
CA PRO B 12 10.36 -4.48 49.35
C PRO B 12 11.32 -4.27 50.54
N ARG B 13 11.11 -5.02 51.62
CA ARG B 13 11.95 -4.89 52.82
C ARG B 13 13.44 -4.88 52.49
N ASP B 14 13.86 -5.80 51.61
CA ASP B 14 15.27 -5.90 51.20
C ASP B 14 15.95 -4.54 51.03
N ILE B 15 15.64 -3.86 49.93
CA ILE B 15 16.23 -2.55 49.65
C ILE B 15 15.87 -1.53 50.74
N PRO B 16 16.88 -1.07 51.48
CA PRO B 16 16.66 -0.08 52.54
C PRO B 16 16.10 1.22 51.97
N MET B 17 16.99 2.07 51.48
CA MET B 17 16.64 3.37 50.90
C MET B 17 15.51 4.08 51.63
N ASN B 18 15.86 5.14 52.34
CA ASN B 18 14.87 5.90 53.08
C ASN B 18 15.05 7.40 52.85
N PRO B 19 14.12 8.01 52.11
CA PRO B 19 14.17 9.44 51.81
C PRO B 19 14.25 10.28 53.07
N MET B 20 14.05 11.58 52.92
CA MET B 20 14.08 12.49 54.04
C MET B 20 12.64 12.88 54.37
N CYS B 21 11.75 12.61 53.43
CA CYS B 21 10.33 12.92 53.61
C CYS B 21 9.50 11.87 52.88
N ILE B 22 8.27 11.65 53.38
CA ILE B 22 7.36 10.69 52.78
C ILE B 22 5.98 11.32 52.67
N TYR B 23 5.24 10.94 51.62
CA TYR B 23 3.90 11.44 51.39
C TYR B 23 2.96 10.25 51.29
N ARG B 24 1.74 10.41 51.78
CA ARG B 24 0.75 9.35 51.74
C ARG B 24 -0.55 9.88 51.14
N SER B 25 -1.09 9.14 50.17
CA SER B 25 -2.33 9.54 49.51
C SER B 25 -3.54 9.21 50.37
N PRO B 26 -4.41 10.20 50.61
CA PRO B 26 -5.63 10.05 51.43
C PRO B 26 -6.68 9.11 50.85
N GLU B 42 -0.75 -11.54 42.62
CA GLU B 42 0.55 -10.95 42.92
C GLU B 42 0.43 -9.49 43.37
N ALA B 43 1.46 -9.00 44.05
CA ALA B 43 1.48 -7.62 44.55
C ALA B 43 2.51 -6.74 43.82
N THR B 44 3.76 -7.20 43.77
CA THR B 44 4.81 -6.43 43.11
C THR B 44 4.55 -6.25 41.62
N ASN B 45 4.09 -7.30 40.94
CA ASN B 45 3.81 -7.22 39.53
C ASN B 45 2.54 -6.39 39.32
N ARG B 46 1.60 -6.53 40.24
CA ARG B 46 0.37 -5.76 40.15
C ARG B 46 0.71 -4.31 40.49
N ARG B 47 1.81 -4.13 41.22
CA ARG B 47 2.26 -2.80 41.61
C ARG B 47 2.91 -2.12 40.41
N VAL B 48 3.85 -2.82 39.78
CA VAL B 48 4.53 -2.31 38.59
C VAL B 48 3.50 -1.94 37.54
N TRP B 49 2.49 -2.80 37.39
CA TRP B 49 1.41 -2.59 36.44
C TRP B 49 0.73 -1.27 36.72
N GLU B 50 0.50 -1.00 38.00
CA GLU B 50 -0.16 0.24 38.41
C GLU B 50 0.73 1.42 38.09
N LEU B 51 2.04 1.18 38.07
CA LEU B 51 3.01 2.21 37.75
C LEU B 51 2.90 2.56 36.26
N SER B 52 2.94 1.53 35.42
CA SER B 52 2.86 1.72 33.97
C SER B 52 1.64 2.52 33.60
N LYS B 53 0.57 2.35 34.36
CA LYS B 53 -0.66 3.08 34.12
C LYS B 53 -0.44 4.55 34.45
N ALA B 54 0.22 4.79 35.57
CA ALA B 54 0.51 6.15 36.03
C ALA B 54 1.33 6.88 34.97
N ASN B 55 2.40 6.22 34.51
CA ASN B 55 3.28 6.81 33.51
C ASN B 55 2.55 7.11 32.22
N SER B 56 1.73 6.15 31.78
CA SER B 56 0.94 6.28 30.57
C SER B 56 -0.09 7.39 30.70
N ARG B 57 -0.67 7.53 31.88
CA ARG B 57 -1.66 8.58 32.08
C ARG B 57 -0.91 9.91 31.99
N PHE B 58 0.26 9.99 32.63
CA PHE B 58 1.06 11.21 32.59
C PHE B 58 1.44 11.49 31.13
N ALA B 59 1.65 10.40 30.40
CA ALA B 59 2.04 10.49 29.00
C ALA B 59 1.02 11.20 28.14
N THR B 60 -0.20 10.69 28.12
CA THR B 60 -1.23 11.30 27.29
C THR B 60 -1.55 12.71 27.72
N THR B 61 -1.53 12.94 29.04
CA THR B 61 -1.82 14.28 29.56
C THR B 61 -0.75 15.28 29.17
N PHE B 62 0.51 14.89 29.33
CA PHE B 62 1.62 15.76 28.96
C PHE B 62 1.50 16.02 27.46
N TYR B 63 1.27 14.93 26.71
CA TYR B 63 1.13 15.03 25.26
C TYR B 63 0.12 16.10 24.93
N GLN B 64 -1.02 16.07 25.62
CA GLN B 64 -2.09 17.03 25.38
C GLN B 64 -1.69 18.44 25.74
N HIS B 65 -1.00 18.61 26.86
CA HIS B 65 -0.56 19.95 27.25
C HIS B 65 0.49 20.46 26.28
N LEU B 66 1.28 19.55 25.72
CA LEU B 66 2.33 19.92 24.77
C LEU B 66 1.76 20.29 23.41
N ALA B 67 0.77 19.54 22.97
CA ALA B 67 0.11 19.77 21.68
C ALA B 67 -0.76 21.03 21.72
N ASP B 68 -1.51 21.17 22.80
CA ASP B 68 -2.41 22.31 22.99
C ASP B 68 -1.60 23.62 22.96
N SER B 69 -0.29 23.49 23.06
CA SER B 69 0.62 24.63 23.03
C SER B 69 1.53 24.46 21.83
N LYS B 70 0.95 24.10 20.69
CA LYS B 70 1.70 23.90 19.47
C LYS B 70 0.84 24.02 18.22
N ASN B 71 1.51 24.02 17.07
CA ASN B 71 0.86 24.10 15.76
C ASN B 71 0.44 22.69 15.35
N ASP B 72 -0.87 22.49 15.16
CA ASP B 72 -1.41 21.20 14.77
C ASP B 72 -0.69 20.52 13.61
N ASN B 73 0.02 21.30 12.80
CA ASN B 73 0.77 20.76 11.66
C ASN B 73 2.25 20.69 12.00
N ASP B 74 2.54 20.78 13.29
CA ASP B 74 3.92 20.73 13.76
C ASP B 74 4.29 19.33 14.25
N ASN B 75 5.52 18.94 14.01
CA ASN B 75 5.99 17.65 14.47
C ASN B 75 6.03 17.68 15.99
N ILE B 76 5.97 16.50 16.58
CA ILE B 76 6.03 16.34 18.02
C ILE B 76 6.59 14.95 18.28
N PHE B 77 7.57 14.86 19.16
CA PHE B 77 8.11 13.56 19.49
C PHE B 77 8.77 13.66 20.85
N LEU B 78 8.68 12.57 21.61
CA LEU B 78 9.25 12.56 22.94
C LEU B 78 9.19 11.17 23.55
N SER B 79 9.83 11.04 24.69
CA SER B 79 9.77 9.82 25.41
C SER B 79 9.21 10.23 26.75
N PRO B 80 7.91 9.97 26.98
CA PRO B 80 7.28 10.32 28.25
C PRO B 80 7.90 9.47 29.38
N LEU B 81 8.35 8.27 29.04
CA LEU B 81 8.96 7.40 30.03
C LEU B 81 10.21 8.09 30.55
N SER B 82 10.99 8.64 29.61
CA SER B 82 12.24 9.34 29.91
C SER B 82 12.01 10.49 30.89
N ILE B 83 10.93 11.22 30.67
CA ILE B 83 10.60 12.35 31.54
C ILE B 83 10.19 11.86 32.93
N SER B 84 9.36 10.84 32.99
CA SER B 84 8.92 10.33 34.30
C SER B 84 10.11 9.86 35.14
N THR B 85 11.07 9.24 34.47
CA THR B 85 12.25 8.73 35.12
C THR B 85 13.08 9.83 35.74
N ALA B 86 13.41 10.82 34.94
CA ALA B 86 14.22 11.93 35.40
C ALA B 86 13.57 12.63 36.59
N PHE B 87 12.27 12.83 36.51
CA PHE B 87 11.59 13.53 37.58
C PHE B 87 11.41 12.69 38.81
N ALA B 88 11.52 11.37 38.67
CA ALA B 88 11.39 10.47 39.80
C ALA B 88 12.72 10.50 40.57
N MET B 89 13.81 10.63 39.83
CA MET B 89 15.14 10.72 40.41
C MET B 89 15.16 11.99 41.24
N THR B 90 14.60 13.06 40.66
CA THR B 90 14.53 14.36 41.30
C THR B 90 13.70 14.24 42.56
N LYS B 91 12.61 13.49 42.46
CA LYS B 91 11.70 13.32 43.57
C LYS B 91 12.38 12.74 44.81
N LEU B 92 13.49 12.01 44.63
CA LEU B 92 14.22 11.39 45.75
C LEU B 92 14.75 12.35 46.82
N GLY B 93 14.86 13.63 46.48
CA GLY B 93 15.36 14.60 47.44
C GLY B 93 14.34 15.68 47.72
N ALA B 94 13.13 15.50 47.19
CA ALA B 94 12.05 16.47 47.38
C ALA B 94 11.36 16.31 48.71
N CYS B 95 10.65 17.36 49.12
CA CYS B 95 9.95 17.35 50.40
C CYS B 95 8.76 18.32 50.41
N ASN B 96 7.84 18.10 51.37
CA ASN B 96 6.65 18.92 51.55
C ASN B 96 5.73 19.01 50.33
N ASP B 97 5.43 20.23 49.89
CA ASP B 97 4.56 20.41 48.74
C ASP B 97 5.23 19.98 47.45
N THR B 98 6.51 20.31 47.32
CA THR B 98 7.26 19.91 46.14
C THR B 98 7.13 18.41 45.95
N LEU B 99 7.31 17.65 47.03
CA LEU B 99 7.20 16.20 46.98
C LEU B 99 5.80 15.76 46.54
N GLN B 100 4.79 16.22 47.27
CA GLN B 100 3.40 15.89 46.94
C GLN B 100 3.11 16.22 45.46
N GLN B 101 3.44 17.43 45.03
CA GLN B 101 3.20 17.83 43.65
C GLN B 101 3.89 16.92 42.61
N LEU B 102 5.02 16.32 42.96
CA LEU B 102 5.70 15.41 42.03
C LEU B 102 4.95 14.07 41.99
N MET B 103 4.30 13.74 43.10
CA MET B 103 3.54 12.48 43.23
C MET B 103 2.21 12.51 42.48
N GLU B 104 1.62 13.68 42.39
CA GLU B 104 0.33 13.82 41.74
C GLU B 104 0.43 14.12 40.25
N VAL B 105 1.39 14.98 39.87
CA VAL B 105 1.56 15.33 38.47
C VAL B 105 1.99 14.12 37.61
N PHE B 106 2.85 13.28 38.16
CA PHE B 106 3.31 12.11 37.43
C PHE B 106 2.48 10.90 37.81
N LYS B 107 1.39 11.15 38.53
CA LYS B 107 0.47 10.10 38.95
C LYS B 107 1.08 8.94 39.73
N PHE B 108 2.22 9.16 40.38
CA PHE B 108 2.81 8.10 41.16
C PHE B 108 1.89 7.80 42.36
N ASP B 109 1.04 8.76 42.70
CA ASP B 109 0.12 8.62 43.82
C ASP B 109 -1.14 7.84 43.50
N THR B 110 -1.14 7.12 42.39
CA THR B 110 -2.30 6.31 42.02
C THR B 110 -1.96 4.85 42.29
N ILE B 111 -0.79 4.63 42.87
CA ILE B 111 -0.31 3.30 43.20
C ILE B 111 -0.86 2.91 44.58
N SER B 112 -0.90 1.60 44.86
CA SER B 112 -1.41 1.11 46.14
C SER B 112 -0.59 1.49 47.37
N GLU B 113 0.71 1.17 47.35
CA GLU B 113 1.60 1.50 48.47
C GLU B 113 1.35 2.95 48.88
N LYS B 114 1.04 3.16 50.15
CA LYS B 114 0.75 4.50 50.66
C LYS B 114 1.93 5.45 50.87
N THR B 115 3.15 4.98 50.61
CA THR B 115 4.32 5.81 50.84
C THR B 115 5.18 6.16 49.62
N SER B 116 5.54 7.43 49.50
CA SER B 116 6.37 7.95 48.41
C SER B 116 7.55 7.03 48.08
N ASP B 117 8.40 6.83 49.07
CA ASP B 117 9.59 5.99 48.91
C ASP B 117 9.31 4.63 48.24
N GLN B 118 8.10 4.10 48.42
CA GLN B 118 7.73 2.81 47.84
C GLN B 118 7.85 2.78 46.31
N ILE B 119 7.19 3.73 45.66
CA ILE B 119 7.21 3.87 44.20
C ILE B 119 8.57 3.55 43.55
N HIS B 120 9.62 4.13 44.11
CA HIS B 120 10.98 3.97 43.61
C HIS B 120 11.46 2.54 43.46
N PHE B 121 11.03 1.65 44.35
CA PHE B 121 11.44 0.26 44.24
C PHE B 121 10.81 -0.36 42.98
N PHE B 122 9.54 -0.08 42.76
CA PHE B 122 8.82 -0.62 41.62
C PHE B 122 9.22 0.02 40.28
N PHE B 123 9.63 1.28 40.32
CA PHE B 123 10.05 1.95 39.10
C PHE B 123 11.33 1.28 38.69
N ALA B 124 12.14 0.89 39.67
CA ALA B 124 13.41 0.23 39.37
C ALA B 124 13.13 -1.17 38.84
N LYS B 125 12.05 -1.78 39.32
CA LYS B 125 11.66 -3.13 38.87
C LYS B 125 11.14 -3.02 37.43
N LEU B 126 10.42 -1.93 37.17
CA LEU B 126 9.88 -1.68 35.84
C LEU B 126 11.00 -1.52 34.81
N ASN B 127 12.09 -0.88 35.20
CA ASN B 127 13.20 -0.68 34.29
C ASN B 127 13.99 -1.96 34.09
N CYS B 128 13.97 -2.82 35.11
CA CYS B 128 14.68 -4.10 35.05
C CYS B 128 14.05 -4.95 33.96
N ARG B 129 12.72 -4.98 33.95
CA ARG B 129 11.96 -5.73 32.96
C ARG B 129 12.23 -5.17 31.57
N LEU B 130 12.27 -3.84 31.47
CA LEU B 130 12.47 -3.15 30.20
C LEU B 130 13.86 -3.22 29.58
N TYR B 131 14.87 -2.83 30.34
CA TYR B 131 16.23 -2.78 29.82
C TYR B 131 17.14 -3.96 30.15
N ARG B 132 16.75 -4.76 31.13
CA ARG B 132 17.55 -5.92 31.52
C ARG B 132 17.01 -7.16 30.86
N LYS B 133 17.42 -7.39 29.61
CA LYS B 133 16.96 -8.55 28.87
C LYS B 133 18.10 -9.35 28.26
N ALA B 134 17.94 -10.67 28.32
CA ALA B 134 18.90 -11.61 27.75
C ALA B 134 18.13 -12.27 26.62
N ASN B 135 18.00 -11.54 25.51
CA ASN B 135 17.27 -11.99 24.31
C ASN B 135 16.36 -10.84 23.85
N LYS B 136 16.29 -10.59 22.54
CA LYS B 136 15.43 -9.50 22.07
C LYS B 136 15.49 -9.16 20.59
N SER B 137 16.71 -8.85 20.15
CA SER B 137 17.02 -8.41 18.78
C SER B 137 16.63 -6.93 18.74
N SER B 138 15.68 -6.57 19.60
CA SER B 138 15.25 -5.18 19.73
C SER B 138 16.06 -4.66 20.89
N LYS B 139 17.02 -3.79 20.60
CA LYS B 139 17.85 -3.20 21.64
C LYS B 139 17.11 -2.05 22.31
N LEU B 140 16.97 -2.13 23.63
CA LEU B 140 16.30 -1.08 24.37
C LEU B 140 17.09 -0.79 25.65
N VAL B 141 18.01 0.16 25.56
CA VAL B 141 18.83 0.52 26.71
C VAL B 141 18.54 1.90 27.30
N SER B 142 18.89 2.07 28.58
CA SER B 142 18.72 3.33 29.28
C SER B 142 19.91 3.57 30.21
N ALA B 143 20.28 4.83 30.37
CA ALA B 143 21.39 5.21 31.23
C ALA B 143 21.03 6.48 31.98
N ASN B 144 21.07 6.43 33.30
CA ASN B 144 20.77 7.61 34.11
C ASN B 144 22.06 8.10 34.76
N ARG B 145 22.10 9.38 35.14
CA ARG B 145 23.28 9.93 35.77
C ARG B 145 23.06 11.30 36.41
N LEU B 146 23.74 11.53 37.53
CA LEU B 146 23.70 12.78 38.27
C LEU B 146 25.00 13.54 38.01
N PHE B 147 24.92 14.86 37.89
CA PHE B 147 26.10 15.66 37.67
C PHE B 147 26.12 16.78 38.69
N GLY B 148 26.95 16.64 39.72
CA GLY B 148 27.00 17.66 40.75
C GLY B 148 28.26 18.52 40.75
N ASP B 149 28.14 19.72 41.30
CA ASP B 149 29.28 20.62 41.38
C ASP B 149 30.43 19.91 42.11
N LYS B 150 31.60 19.95 41.49
CA LYS B 150 32.81 19.31 41.99
C LYS B 150 33.27 19.78 43.39
N SER B 151 32.67 20.87 43.87
CA SER B 151 33.05 21.42 45.16
C SER B 151 32.10 21.17 46.32
N LEU B 152 30.90 20.66 46.06
CA LEU B 152 29.93 20.42 47.13
C LEU B 152 29.91 18.97 47.61
N THR B 153 29.32 18.75 48.78
CA THR B 153 29.20 17.41 49.34
C THR B 153 27.72 17.04 49.29
N PHE B 154 27.38 16.05 48.49
CA PHE B 154 26.00 15.62 48.37
C PHE B 154 25.67 14.58 49.42
N ASN B 155 24.40 14.55 49.81
CA ASN B 155 23.95 13.61 50.81
C ASN B 155 24.36 12.21 50.43
N GLU B 156 24.77 11.41 51.40
CA GLU B 156 25.22 10.05 51.10
C GLU B 156 24.05 9.11 50.88
N THR B 157 22.98 9.32 51.61
CA THR B 157 21.80 8.49 51.45
C THR B 157 21.28 8.75 50.03
N TYR B 158 21.02 10.02 49.74
CA TYR B 158 20.52 10.42 48.45
C TYR B 158 21.38 9.89 47.31
N GLN B 159 22.68 10.04 47.45
CA GLN B 159 23.60 9.61 46.41
C GLN B 159 23.61 8.12 46.14
N ASP B 160 23.34 7.31 47.15
CA ASP B 160 23.36 5.86 46.98
C ASP B 160 22.01 5.28 46.61
N ILE B 161 20.94 5.98 46.98
CA ILE B 161 19.61 5.52 46.63
C ILE B 161 19.43 5.82 45.16
N SER B 162 20.15 6.82 44.68
CA SER B 162 20.05 7.19 43.27
C SER B 162 20.83 6.22 42.42
N GLU B 163 21.97 5.76 42.93
CA GLU B 163 22.77 4.80 42.19
C GLU B 163 22.17 3.40 42.28
N LEU B 164 21.44 3.15 43.37
CA LEU B 164 20.81 1.85 43.58
C LEU B 164 19.55 1.66 42.76
N VAL B 165 18.60 2.56 42.95
CA VAL B 165 17.31 2.53 42.28
C VAL B 165 17.30 2.86 40.80
N TYR B 166 18.13 3.82 40.38
CA TYR B 166 18.16 4.23 38.97
C TYR B 166 19.50 4.05 38.32
N GLY B 167 20.47 3.58 39.09
CA GLY B 167 21.80 3.37 38.54
C GLY B 167 22.46 4.67 38.20
N ALA B 168 22.02 5.74 38.84
CA ALA B 168 22.56 7.08 38.60
C ALA B 168 23.77 7.40 39.51
N LYS B 169 24.96 7.30 38.93
CA LYS B 169 26.18 7.61 39.63
C LYS B 169 26.25 9.12 39.61
N LEU B 170 26.96 9.71 40.56
CA LEU B 170 27.07 11.16 40.62
C LEU B 170 28.45 11.58 40.16
N GLN B 171 28.53 12.12 38.95
CA GLN B 171 29.82 12.54 38.41
C GLN B 171 30.15 13.99 38.71
N PRO B 172 31.36 14.23 39.26
CA PRO B 172 31.83 15.57 39.61
C PRO B 172 32.07 16.48 38.42
N LEU B 173 31.46 17.65 38.45
CA LEU B 173 31.66 18.60 37.36
C LEU B 173 31.88 19.98 37.90
N ASP B 174 32.71 20.72 37.21
CA ASP B 174 33.04 22.06 37.61
C ASP B 174 32.01 23.09 37.16
N PHE B 175 30.80 23.06 37.72
CA PHE B 175 29.79 24.04 37.33
C PHE B 175 30.21 25.43 37.78
N LYS B 176 30.77 25.51 38.99
CA LYS B 176 31.21 26.77 39.59
C LYS B 176 32.26 27.53 38.78
N GLU B 177 33.13 26.81 38.09
CA GLU B 177 34.18 27.43 37.29
C GLU B 177 33.87 27.32 35.79
N ASN B 178 33.96 26.10 35.24
CA ASN B 178 33.68 25.88 33.82
C ASN B 178 32.27 25.33 33.56
N ALA B 179 31.27 26.22 33.58
CA ALA B 179 29.89 25.83 33.34
C ALA B 179 29.71 25.35 31.90
N GLU B 180 29.91 26.25 30.95
CA GLU B 180 29.77 25.94 29.53
C GLU B 180 30.53 24.68 29.16
N GLN B 181 31.66 24.44 29.80
CA GLN B 181 32.44 23.26 29.50
C GLN B 181 31.74 22.01 30.06
N SER B 182 31.00 22.20 31.15
CA SER B 182 30.27 21.11 31.79
C SER B 182 29.07 20.74 30.93
N ARG B 183 28.36 21.77 30.45
CA ARG B 183 27.21 21.56 29.57
C ARG B 183 27.66 20.70 28.39
N ALA B 184 28.75 21.12 27.75
CA ALA B 184 29.29 20.37 26.62
C ALA B 184 29.62 18.94 27.02
N ALA B 185 30.05 18.76 28.27
CA ALA B 185 30.40 17.43 28.77
C ALA B 185 29.18 16.56 29.05
N ILE B 186 28.10 17.18 29.53
CA ILE B 186 26.88 16.41 29.80
C ILE B 186 26.31 15.92 28.49
N ASN B 187 26.08 16.84 27.55
CA ASN B 187 25.52 16.50 26.26
C ASN B 187 26.29 15.35 25.62
N LYS B 188 27.62 15.42 25.66
CA LYS B 188 28.45 14.39 25.05
C LYS B 188 28.20 13.04 25.72
N TRP B 189 27.85 13.08 27.01
CA TRP B 189 27.57 11.85 27.74
C TRP B 189 26.24 11.29 27.26
N VAL B 190 25.29 12.21 27.04
CA VAL B 190 23.97 11.82 26.56
C VAL B 190 24.16 11.33 25.14
N SER B 191 25.06 11.99 24.43
CA SER B 191 25.36 11.65 23.06
C SER B 191 25.91 10.24 22.97
N ASN B 192 26.82 9.90 23.87
CA ASN B 192 27.41 8.57 23.87
C ASN B 192 26.40 7.51 24.26
N LYS B 193 25.50 7.84 25.19
CA LYS B 193 24.50 6.88 25.62
C LYS B 193 23.35 6.72 24.62
N THR B 194 23.31 7.59 23.60
CA THR B 194 22.26 7.50 22.59
C THR B 194 22.79 7.36 21.17
N GLU B 195 24.02 6.87 21.02
CA GLU B 195 24.64 6.67 19.72
C GLU B 195 24.66 7.94 18.87
N GLY B 196 24.85 9.07 19.51
CA GLY B 196 24.91 10.32 18.77
C GLY B 196 23.61 10.89 18.25
N ARG B 197 22.48 10.32 18.62
CA ARG B 197 21.19 10.85 18.16
C ARG B 197 20.76 12.07 18.98
N ILE B 198 21.06 12.06 20.26
CA ILE B 198 20.74 13.22 21.09
C ILE B 198 22.08 13.85 21.39
N THR B 199 22.25 15.04 20.85
CA THR B 199 23.51 15.76 20.94
C THR B 199 23.50 17.09 21.67
N ASP B 200 22.33 17.61 22.00
CA ASP B 200 22.26 18.87 22.68
C ASP B 200 21.12 19.00 23.68
N VAL B 201 20.80 17.92 24.39
CA VAL B 201 19.71 18.01 25.36
C VAL B 201 19.68 19.38 26.03
N ILE B 202 20.84 19.80 26.52
CA ILE B 202 20.95 21.07 27.24
C ILE B 202 21.40 22.22 26.36
N PRO B 203 20.51 23.19 26.15
CA PRO B 203 20.74 24.39 25.34
C PRO B 203 21.80 25.30 25.92
N SER B 204 22.45 26.07 25.06
CA SER B 204 23.49 27.00 25.47
C SER B 204 22.98 27.95 26.56
N GLU B 205 23.85 28.23 27.54
CA GLU B 205 23.57 29.12 28.68
C GLU B 205 22.72 28.54 29.82
N ALA B 206 22.14 27.36 29.63
CA ALA B 206 21.29 26.76 30.66
C ALA B 206 21.98 26.53 32.01
N ILE B 207 23.31 26.38 31.97
CA ILE B 207 24.09 26.14 33.19
C ILE B 207 25.02 27.30 33.54
N ASN B 208 24.99 27.73 34.80
CA ASN B 208 25.85 28.83 35.25
C ASN B 208 26.57 28.49 36.54
N GLU B 209 27.44 29.38 37.00
CA GLU B 209 28.20 29.18 38.22
C GLU B 209 27.30 28.90 39.43
N LEU B 210 25.99 29.06 39.25
CA LEU B 210 25.03 28.82 40.34
C LEU B 210 24.44 27.41 40.29
N THR B 211 24.65 26.72 39.18
CA THR B 211 24.13 25.36 39.01
C THR B 211 24.74 24.35 39.99
N VAL B 212 23.87 23.74 40.78
CA VAL B 212 24.24 22.75 41.77
C VAL B 212 24.27 21.33 41.23
N LEU B 213 23.17 20.93 40.61
CA LEU B 213 23.03 19.57 40.11
C LEU B 213 22.26 19.48 38.81
N VAL B 214 22.51 18.39 38.08
CA VAL B 214 21.81 18.11 36.85
C VAL B 214 21.53 16.62 36.74
N LEU B 215 20.23 16.29 36.79
CA LEU B 215 19.75 14.92 36.70
C LEU B 215 19.46 14.61 35.25
N VAL B 216 19.99 13.49 34.78
CA VAL B 216 19.79 13.10 33.40
C VAL B 216 19.33 11.67 33.17
N ASN B 217 18.39 11.52 32.24
CA ASN B 217 17.91 10.22 31.83
C ASN B 217 18.13 10.10 30.33
N THR B 218 18.29 8.88 29.85
CA THR B 218 18.44 8.64 28.41
C THR B 218 17.89 7.26 28.13
N ILE B 219 17.18 7.14 27.02
CA ILE B 219 16.59 5.88 26.61
C ILE B 219 16.90 5.80 25.12
N TYR B 220 17.34 4.63 24.67
CA TYR B 220 17.70 4.41 23.26
C TYR B 220 17.01 3.15 22.72
N PHE B 221 16.49 3.25 21.49
CA PHE B 221 15.79 2.14 20.86
C PHE B 221 16.19 1.90 19.41
N LYS B 222 16.30 0.63 19.04
CA LYS B 222 16.64 0.24 17.69
C LYS B 222 15.96 -1.09 17.50
N GLY B 223 14.97 -1.13 16.61
CA GLY B 223 14.27 -2.37 16.35
C GLY B 223 14.28 -2.69 14.88
N LEU B 224 13.99 -3.94 14.55
CA LEU B 224 13.94 -4.35 13.15
C LEU B 224 12.51 -4.75 12.91
N TRP B 225 11.93 -4.24 11.81
CA TRP B 225 10.56 -4.57 11.49
C TRP B 225 10.46 -6.09 11.50
N LYS B 226 9.38 -6.62 12.06
CA LYS B 226 9.22 -8.06 12.06
C LYS B 226 9.10 -8.42 10.58
N SER B 227 8.44 -7.52 9.84
CA SER B 227 8.23 -7.66 8.40
C SER B 227 8.78 -6.43 7.66
N LYS B 228 10.04 -6.52 7.23
CA LYS B 228 10.70 -5.42 6.53
C LYS B 228 9.99 -4.89 5.28
N PHE B 229 10.48 -3.74 4.81
CA PHE B 229 9.99 -3.11 3.59
C PHE B 229 11.14 -3.33 2.63
N SER B 230 10.87 -3.29 1.32
CA SER B 230 11.93 -3.47 0.36
C SER B 230 12.21 -2.14 -0.32
N PRO B 231 13.43 -1.63 -0.18
CA PRO B 231 13.78 -0.35 -0.80
C PRO B 231 13.32 -0.29 -2.25
N GLU B 232 13.27 -1.45 -2.89
CA GLU B 232 12.84 -1.52 -4.28
C GLU B 232 11.46 -0.87 -4.45
N ASN B 233 10.60 -1.07 -3.44
CA ASN B 233 9.25 -0.53 -3.51
C ASN B 233 9.03 0.88 -3.00
N THR B 234 10.05 1.49 -2.41
CA THR B 234 9.93 2.86 -1.90
C THR B 234 9.80 3.79 -3.12
N ARG B 235 9.44 5.05 -2.91
CA ARG B 235 9.29 5.96 -4.04
C ARG B 235 9.12 7.43 -3.64
N LYS B 236 9.63 8.34 -4.49
CA LYS B 236 9.53 9.78 -4.24
C LYS B 236 8.09 10.22 -4.46
N GLU B 237 7.65 11.26 -3.75
CA GLU B 237 6.26 11.74 -3.87
C GLU B 237 6.11 13.13 -3.27
N LEU B 238 5.44 14.03 -3.98
CA LEU B 238 5.25 15.38 -3.47
C LEU B 238 4.36 15.42 -2.24
N PHE B 239 4.70 16.32 -1.32
CA PHE B 239 3.95 16.49 -0.09
C PHE B 239 3.59 17.96 0.01
N TYR B 240 2.30 18.26 0.14
CA TYR B 240 1.87 19.63 0.21
C TYR B 240 1.74 20.13 1.64
N LYS B 241 2.66 21.00 2.01
CA LYS B 241 2.68 21.59 3.33
C LYS B 241 1.50 22.55 3.38
N ALA B 242 0.86 22.63 4.54
CA ALA B 242 -0.31 23.49 4.71
C ALA B 242 -0.09 24.99 4.36
N ASP B 243 1.15 25.42 4.18
CA ASP B 243 1.37 26.82 3.84
C ASP B 243 1.14 27.02 2.35
N GLY B 244 1.39 25.97 1.58
CA GLY B 244 1.22 26.02 0.14
C GLY B 244 2.36 25.32 -0.58
N GLU B 245 3.55 25.37 0.01
CA GLU B 245 4.73 24.74 -0.57
C GLU B 245 4.58 23.24 -0.67
N SER B 246 5.60 22.61 -1.23
CA SER B 246 5.60 21.16 -1.37
C SER B 246 7.03 20.67 -1.34
N CYS B 247 7.24 19.52 -0.70
CA CYS B 247 8.57 18.92 -0.59
C CYS B 247 8.54 17.44 -0.95
N SER B 248 9.69 16.90 -1.34
CA SER B 248 9.79 15.49 -1.68
C SER B 248 9.71 14.62 -0.43
N ALA B 249 9.10 13.45 -0.57
CA ALA B 249 8.97 12.51 0.53
C ALA B 249 9.13 11.10 -0.03
N SER B 250 9.93 10.28 0.65
CA SER B 250 10.15 8.91 0.25
C SER B 250 9.08 8.06 0.90
N MET B 251 8.25 7.41 0.11
CA MET B 251 7.18 6.57 0.62
C MET B 251 7.50 5.09 0.45
N MET B 252 7.44 4.36 1.54
CA MET B 252 7.71 2.94 1.51
C MET B 252 6.40 2.22 1.20
N TYR B 253 6.52 0.98 0.74
CA TYR B 253 5.35 0.19 0.42
C TYR B 253 5.58 -1.27 0.77
N GLN B 254 4.51 -1.94 1.18
CA GLN B 254 4.59 -3.35 1.51
C GLN B 254 3.20 -3.89 1.76
N GLU B 255 2.99 -5.13 1.32
CA GLU B 255 1.70 -5.81 1.49
C GLU B 255 1.92 -6.98 2.45
N GLY B 256 1.01 -7.16 3.40
CA GLY B 256 1.16 -8.22 4.36
C GLY B 256 0.07 -8.23 5.40
N LYS B 257 0.16 -9.14 6.36
CA LYS B 257 -0.84 -9.21 7.41
C LYS B 257 -0.37 -8.43 8.64
N PHE B 258 -1.27 -7.61 9.18
CA PHE B 258 -0.98 -6.78 10.33
C PHE B 258 -2.22 -6.64 11.20
N ARG B 259 -2.03 -6.41 12.49
CA ARG B 259 -3.17 -6.21 13.37
C ARG B 259 -3.59 -4.81 12.95
N TYR B 260 -4.88 -4.63 12.68
CA TYR B 260 -5.36 -3.34 12.20
C TYR B 260 -6.83 -3.17 12.50
N ARG B 261 -7.31 -1.94 12.46
CA ARG B 261 -8.71 -1.67 12.73
C ARG B 261 -9.07 -0.23 12.39
N ARG B 262 -10.18 -0.07 11.68
CA ARG B 262 -10.68 1.26 11.34
C ARG B 262 -11.74 1.43 12.43
N VAL B 263 -11.64 2.50 13.19
CA VAL B 263 -12.55 2.69 14.30
C VAL B 263 -13.46 3.90 14.29
N ALA B 264 -13.99 4.18 15.47
CA ALA B 264 -14.92 5.26 15.80
C ALA B 264 -15.25 6.43 14.89
N GLU B 265 -14.68 6.52 13.69
CA GLU B 265 -15.02 7.62 12.80
C GLU B 265 -14.13 7.77 11.60
N GLY B 266 -13.66 6.64 11.08
CA GLY B 266 -12.79 6.69 9.93
C GLY B 266 -11.34 6.63 10.33
N THR B 267 -11.09 6.58 11.64
CA THR B 267 -9.75 6.51 12.17
C THR B 267 -9.16 5.12 11.96
N GLN B 268 -7.89 5.07 11.57
CA GLN B 268 -7.21 3.80 11.36
C GLN B 268 -6.14 3.62 12.43
N VAL B 269 -5.99 2.38 12.89
CA VAL B 269 -5.00 2.05 13.89
C VAL B 269 -4.26 0.86 13.35
N LEU B 270 -3.00 1.04 13.04
CA LEU B 270 -2.16 0.00 12.48
C LEU B 270 -1.04 -0.31 13.45
N GLU B 271 -0.72 -1.59 13.62
CA GLU B 271 0.36 -1.92 14.52
C GLU B 271 1.45 -2.62 13.75
N LEU B 272 2.65 -2.07 13.82
CA LEU B 272 3.81 -2.65 13.14
C LEU B 272 4.76 -3.16 14.24
N PRO B 273 4.83 -4.48 14.42
CA PRO B 273 5.70 -5.08 15.44
C PRO B 273 7.14 -5.19 14.98
N PHE B 274 8.05 -5.17 15.94
CA PHE B 274 9.48 -5.31 15.66
C PHE B 274 9.85 -6.75 16.00
N LYS B 275 10.94 -7.25 15.44
CA LYS B 275 11.37 -8.61 15.73
C LYS B 275 11.34 -8.85 17.24
N GLY B 276 10.35 -9.64 17.66
CA GLY B 276 10.18 -9.96 19.06
C GLY B 276 8.71 -9.87 19.45
N ASP B 277 8.04 -8.82 19.00
CA ASP B 277 6.61 -8.63 19.30
C ASP B 277 6.31 -7.97 20.64
N ASP B 278 7.34 -7.82 21.48
CA ASP B 278 7.20 -7.21 22.80
C ASP B 278 7.22 -5.68 22.69
N ILE B 279 7.83 -5.19 21.63
CA ILE B 279 7.89 -3.75 21.35
C ILE B 279 7.28 -3.55 19.95
N THR B 280 6.30 -2.65 19.85
CA THR B 280 5.64 -2.39 18.57
C THR B 280 5.31 -0.92 18.38
N MET B 281 5.31 -0.47 17.13
CA MET B 281 4.95 0.90 16.79
C MET B 281 3.47 0.90 16.41
N VAL B 282 2.72 1.87 16.87
CA VAL B 282 1.32 1.94 16.52
C VAL B 282 1.05 3.27 15.84
N LEU B 283 0.41 3.22 14.69
CA LEU B 283 0.12 4.42 13.95
C LEU B 283 -1.36 4.67 14.08
N ILE B 284 -1.72 5.95 14.03
CA ILE B 284 -3.09 6.36 14.13
C ILE B 284 -3.27 7.50 13.16
N LEU B 285 -4.13 7.29 12.16
CA LEU B 285 -4.41 8.33 11.18
C LEU B 285 -5.91 8.47 11.02
N PRO B 286 -6.38 9.72 11.16
CA PRO B 286 -7.81 10.03 11.05
C PRO B 286 -8.29 10.00 9.61
N LYS B 287 -9.59 9.78 9.43
CA LYS B 287 -10.20 9.78 8.10
C LYS B 287 -9.55 10.93 7.35
N PRO B 288 -9.09 10.70 6.11
CA PRO B 288 -8.45 11.81 5.37
C PRO B 288 -9.17 13.15 5.58
N GLU B 289 -10.50 13.08 5.67
CA GLU B 289 -11.32 14.27 5.87
C GLU B 289 -11.07 15.01 7.19
N LYS B 290 -11.07 14.28 8.30
CA LYS B 290 -10.85 14.87 9.64
C LYS B 290 -9.41 15.25 9.96
N SER B 291 -9.17 15.58 11.23
CA SER B 291 -7.85 15.98 11.71
C SER B 291 -7.56 15.34 13.07
N LEU B 292 -6.30 15.40 13.51
CA LEU B 292 -5.94 14.83 14.80
C LEU B 292 -6.70 15.49 15.95
N ALA B 293 -6.80 16.81 15.90
CA ALA B 293 -7.50 17.60 16.92
C ALA B 293 -8.41 16.83 17.88
N LYS B 294 -9.48 16.25 17.35
CA LYS B 294 -10.43 15.50 18.18
C LYS B 294 -9.85 14.25 18.81
N VAL B 295 -8.93 13.58 18.11
CA VAL B 295 -8.32 12.37 18.65
C VAL B 295 -7.38 12.71 19.79
N GLU B 296 -6.57 13.75 19.60
CA GLU B 296 -5.64 14.16 20.65
C GLU B 296 -6.45 14.61 21.85
N LYS B 297 -7.54 15.32 21.58
CA LYS B 297 -8.41 15.82 22.65
C LYS B 297 -9.04 14.70 23.48
N GLU B 298 -9.18 13.51 22.91
CA GLU B 298 -9.79 12.42 23.66
C GLU B 298 -8.82 11.28 24.02
N LEU B 299 -7.55 11.49 23.69
CA LEU B 299 -6.52 10.51 23.98
C LEU B 299 -6.32 10.28 25.47
N THR B 300 -6.46 9.02 25.88
CA THR B 300 -6.28 8.64 27.27
C THR B 300 -5.78 7.19 27.25
N PRO B 301 -5.20 6.73 28.35
CA PRO B 301 -4.70 5.35 28.41
C PRO B 301 -5.78 4.28 28.18
N GLU B 302 -6.99 4.53 28.66
CA GLU B 302 -8.09 3.58 28.50
C GLU B 302 -8.49 3.47 27.03
N VAL B 303 -8.60 4.63 26.37
CA VAL B 303 -8.93 4.71 24.95
C VAL B 303 -7.88 4.00 24.09
N LEU B 304 -6.61 4.25 24.37
CA LEU B 304 -5.54 3.64 23.61
C LEU B 304 -5.53 2.11 23.76
N GLN B 305 -5.73 1.62 24.98
CA GLN B 305 -5.75 0.17 25.20
C GLN B 305 -6.99 -0.41 24.52
N GLU B 306 -8.08 0.34 24.53
CA GLU B 306 -9.32 -0.11 23.89
C GLU B 306 -9.05 -0.35 22.41
N TRP B 307 -8.42 0.62 21.74
CA TRP B 307 -8.08 0.50 20.33
C TRP B 307 -7.25 -0.76 20.13
N LEU B 308 -6.22 -0.91 20.95
CA LEU B 308 -5.38 -2.09 20.84
C LEU B 308 -6.22 -3.37 20.96
N ASP B 309 -7.18 -3.37 21.89
CA ASP B 309 -8.04 -4.54 22.10
C ASP B 309 -8.92 -4.90 20.90
N GLU B 310 -9.11 -3.96 19.98
CA GLU B 310 -9.92 -4.18 18.77
C GLU B 310 -9.10 -4.62 17.56
N LEU B 311 -7.79 -4.38 17.60
CA LEU B 311 -6.94 -4.75 16.49
C LEU B 311 -7.06 -6.22 16.15
N GLU B 312 -7.55 -6.47 14.96
CA GLU B 312 -7.74 -7.82 14.46
C GLU B 312 -6.69 -7.97 13.36
N GLU B 313 -6.19 -9.18 13.15
CA GLU B 313 -5.21 -9.39 12.09
C GLU B 313 -5.92 -9.25 10.75
N MET B 314 -5.23 -8.70 9.77
CA MET B 314 -5.83 -8.53 8.44
C MET B 314 -4.80 -8.32 7.34
N MET B 315 -5.22 -8.53 6.11
CA MET B 315 -4.36 -8.36 4.96
C MET B 315 -4.57 -6.96 4.42
N LEU B 316 -3.49 -6.20 4.33
CA LEU B 316 -3.63 -4.86 3.84
C LEU B 316 -2.33 -4.36 3.21
N VAL B 317 -2.41 -3.19 2.59
CA VAL B 317 -1.25 -2.59 1.99
C VAL B 317 -0.86 -1.41 2.87
N VAL B 318 0.43 -1.31 3.18
CA VAL B 318 0.92 -0.25 4.02
C VAL B 318 1.86 0.67 3.27
N HIS B 319 1.53 1.95 3.31
CA HIS B 319 2.35 2.99 2.68
C HIS B 319 2.75 3.93 3.82
N MET B 320 4.04 4.02 4.11
CA MET B 320 4.48 4.95 5.14
C MET B 320 5.82 5.54 4.76
N PRO B 321 6.02 6.82 5.11
CA PRO B 321 7.25 7.53 4.80
C PRO B 321 8.51 7.04 5.51
N ARG B 322 9.62 7.21 4.80
CA ARG B 322 10.97 6.87 5.25
C ARG B 322 11.45 8.26 5.67
N PHE B 323 11.48 8.53 6.98
CA PHE B 323 11.84 9.86 7.47
C PHE B 323 12.54 9.86 8.84
N ARG B 324 12.82 11.06 9.33
CA ARG B 324 13.43 11.28 10.65
C ARG B 324 13.03 12.63 11.26
N ILE B 325 12.29 12.63 12.36
CA ILE B 325 11.94 13.91 13.00
C ILE B 325 12.69 14.06 14.32
N GLU B 326 12.98 15.31 14.69
CA GLU B 326 13.68 15.63 15.92
C GLU B 326 12.90 16.70 16.65
N ASP B 327 12.72 16.56 17.94
CA ASP B 327 11.96 17.54 18.71
C ASP B 327 12.61 17.81 20.07
N GLY B 328 12.93 19.07 20.35
CA GLY B 328 13.55 19.43 21.62
C GLY B 328 12.79 20.56 22.28
N PHE B 329 12.67 20.54 23.61
CA PHE B 329 11.92 21.58 24.29
C PHE B 329 12.07 21.62 25.82
N SER B 330 11.41 22.62 26.41
CA SER B 330 11.44 22.82 27.85
C SER B 330 10.14 22.29 28.42
N LEU B 331 10.25 21.59 29.54
CA LEU B 331 9.10 21.00 30.19
C LEU B 331 8.50 21.91 31.24
N LYS B 332 9.26 22.94 31.61
CA LYS B 332 8.84 23.87 32.64
C LYS B 332 7.40 24.37 32.51
N GLU B 333 7.09 25.07 31.42
CA GLU B 333 5.73 25.61 31.23
C GLU B 333 4.59 24.58 31.36
N GLN B 334 4.57 23.57 30.49
CA GLN B 334 3.53 22.54 30.53
C GLN B 334 3.45 21.84 31.88
N LEU B 335 4.60 21.46 32.44
CA LEU B 335 4.62 20.80 33.74
C LEU B 335 4.02 21.72 34.80
N GLN B 336 4.30 23.02 34.70
CA GLN B 336 3.75 24.00 35.64
C GLN B 336 2.23 23.97 35.49
N ASP B 337 1.77 24.15 34.25
CA ASP B 337 0.33 24.11 33.96
C ASP B 337 -0.27 22.83 34.55
N MET B 338 0.45 21.72 34.46
CA MET B 338 -0.03 20.46 34.96
C MET B 338 -0.07 20.37 36.49
N GLY B 339 0.49 21.37 37.17
CA GLY B 339 0.48 21.33 38.63
C GLY B 339 1.83 21.23 39.32
N LEU B 340 2.91 21.26 38.54
CA LEU B 340 4.26 21.19 39.10
C LEU B 340 4.75 22.65 39.22
N VAL B 341 4.38 23.30 40.31
CA VAL B 341 4.74 24.70 40.54
C VAL B 341 5.90 24.92 41.52
N ASP B 342 5.82 24.29 42.69
CA ASP B 342 6.85 24.46 43.72
C ASP B 342 8.27 24.15 43.28
N LEU B 343 8.46 22.99 42.65
CA LEU B 343 9.78 22.55 42.18
C LEU B 343 10.56 23.58 41.37
N PHE B 344 9.86 24.45 40.65
CA PHE B 344 10.51 25.46 39.82
C PHE B 344 10.58 26.82 40.52
N SER B 345 10.04 26.88 41.74
CA SER B 345 10.02 28.13 42.48
C SER B 345 11.20 28.33 43.43
N PRO B 346 12.03 29.37 43.16
CA PRO B 346 13.18 29.64 44.01
C PRO B 346 12.76 29.92 45.45
N GLU B 347 11.46 30.17 45.63
CA GLU B 347 10.90 30.49 46.93
C GLU B 347 10.26 29.29 47.65
N LYS B 348 9.51 28.48 46.90
CA LYS B 348 8.82 27.33 47.48
C LYS B 348 9.48 25.95 47.32
N SER B 349 10.24 25.76 46.23
CA SER B 349 10.89 24.47 45.98
C SER B 349 11.60 23.88 47.20
N LYS B 350 11.31 22.63 47.50
CA LYS B 350 11.92 21.95 48.62
C LYS B 350 12.68 20.70 48.18
N LEU B 351 14.01 20.78 48.19
CA LEU B 351 14.86 19.66 47.81
C LEU B 351 15.96 19.54 48.85
N PRO B 352 15.59 19.30 50.11
CA PRO B 352 16.55 19.19 51.21
C PRO B 352 17.31 17.88 51.39
N GLY B 353 17.14 16.91 50.50
CA GLY B 353 17.86 15.66 50.67
C GLY B 353 18.97 15.43 49.67
N ILE B 354 19.29 16.48 48.92
CA ILE B 354 20.30 16.42 47.87
C ILE B 354 21.69 16.83 48.33
N VAL B 355 21.79 18.01 48.93
CA VAL B 355 23.07 18.52 49.40
C VAL B 355 23.33 18.26 50.87
N ALA B 356 24.62 18.24 51.18
CA ALA B 356 25.19 18.01 52.50
C ALA B 356 24.30 18.24 53.71
N GLU B 357 24.25 19.48 54.18
CA GLU B 357 23.49 19.79 55.38
C GLU B 357 22.07 20.31 55.20
N GLY B 358 21.39 19.85 54.17
CA GLY B 358 20.02 20.27 53.94
C GLY B 358 19.86 21.58 53.19
N ARG B 359 20.90 22.04 52.51
CA ARG B 359 20.82 23.28 51.74
C ARG B 359 19.42 23.29 51.11
N ASP B 360 18.61 24.28 51.46
CA ASP B 360 17.25 24.33 50.96
C ASP B 360 17.00 25.09 49.67
N ASP B 361 17.66 26.23 49.53
CA ASP B 361 17.49 27.08 48.36
C ASP B 361 17.56 26.39 46.98
N LEU B 362 17.49 25.05 46.96
CA LEU B 362 17.52 24.32 45.70
C LEU B 362 16.16 24.31 45.03
N TYR B 363 16.15 24.62 43.74
CA TYR B 363 14.92 24.66 42.94
C TYR B 363 15.37 24.36 41.50
N VAL B 364 14.45 23.91 40.66
CA VAL B 364 14.78 23.60 39.28
C VAL B 364 14.71 24.82 38.37
N SER B 365 15.86 25.22 37.84
CA SER B 365 15.89 26.36 36.98
C SER B 365 15.04 26.04 35.77
N ASP B 366 15.21 24.84 35.23
CA ASP B 366 14.47 24.43 34.04
C ASP B 366 14.78 22.98 33.71
N ALA B 367 13.87 22.31 33.01
CA ALA B 367 14.05 20.91 32.61
C ALA B 367 14.04 20.87 31.09
N PHE B 368 14.76 19.93 30.52
CA PHE B 368 14.83 19.83 29.07
C PHE B 368 14.61 18.42 28.55
N HIS B 369 14.16 18.35 27.31
CA HIS B 369 13.91 17.07 26.68
C HIS B 369 14.24 17.16 25.20
N LYS B 370 14.82 16.09 24.67
CA LYS B 370 15.19 16.02 23.26
C LYS B 370 14.96 14.58 22.81
N ALA B 371 14.23 14.40 21.72
CA ALA B 371 13.92 13.06 21.22
C ALA B 371 14.22 12.94 19.75
N PHE B 372 14.50 11.72 19.32
CA PHE B 372 14.84 11.44 17.94
C PHE B 372 14.12 10.19 17.44
N LEU B 373 13.53 10.30 16.25
CA LEU B 373 12.82 9.19 15.63
C LEU B 373 13.17 9.04 14.16
N GLU B 374 13.59 7.83 13.77
CA GLU B 374 13.89 7.58 12.37
C GLU B 374 13.26 6.27 11.94
N VAL B 375 12.59 6.31 10.79
CA VAL B 375 11.95 5.13 10.27
C VAL B 375 12.37 4.86 8.84
N ASN B 376 12.72 3.61 8.55
CA ASN B 376 13.08 3.24 7.21
C ASN B 376 12.61 1.83 6.86
N GLU B 377 13.22 1.23 5.85
CA GLU B 377 12.81 -0.09 5.39
C GLU B 377 13.10 -1.23 6.34
N GLU B 378 14.23 -1.16 7.04
CA GLU B 378 14.63 -2.21 7.98
C GLU B 378 13.90 -2.16 9.32
N GLY B 379 13.64 -0.96 9.79
CA GLY B 379 12.95 -0.83 11.07
C GLY B 379 12.89 0.62 11.50
N SER B 380 12.97 0.81 12.82
CA SER B 380 12.92 2.14 13.37
C SER B 380 13.97 2.33 14.46
N GLU B 381 14.34 3.58 14.70
CA GLU B 381 15.34 3.94 15.71
C GLU B 381 14.83 5.18 16.45
N ALA B 382 14.80 5.14 17.78
CA ALA B 382 14.35 6.29 18.56
C ALA B 382 15.28 6.54 19.75
N ALA B 383 15.38 7.80 20.15
CA ALA B 383 16.22 8.16 21.28
C ALA B 383 15.65 9.40 21.97
N ALA B 384 15.89 9.53 23.26
CA ALA B 384 15.39 10.68 24.01
C ALA B 384 16.23 10.89 25.25
N SER B 385 16.12 12.09 25.83
CA SER B 385 16.84 12.43 27.04
C SER B 385 16.13 13.56 27.78
N THR B 386 16.31 13.59 29.10
CA THR B 386 15.70 14.60 29.95
C THR B 386 16.73 15.04 30.98
N ALA B 387 16.93 16.34 31.08
CA ALA B 387 17.89 16.88 32.02
C ALA B 387 17.25 17.94 32.88
N VAL B 388 17.14 17.64 34.16
CA VAL B 388 16.57 18.59 35.11
C VAL B 388 17.79 19.36 35.65
N VAL B 389 17.73 20.69 35.56
CA VAL B 389 18.81 21.54 36.02
C VAL B 389 18.43 22.21 37.33
N ILE B 390 19.21 21.94 38.39
CA ILE B 390 18.94 22.55 39.70
C ILE B 390 19.75 23.84 39.90
N ALA B 391 19.04 24.92 40.17
CA ALA B 391 19.65 26.23 40.41
C ALA B 391 20.39 26.85 39.23
N GLY B 392 20.20 26.30 38.04
CA GLY B 392 20.87 26.86 36.87
C GLY B 392 20.13 28.09 36.39
N ARG B 393 20.31 28.46 35.12
CA ARG B 393 19.64 29.63 34.56
C ARG B 393 18.41 29.25 33.75
N SER B 394 17.24 29.58 34.29
CA SER B 394 15.98 29.28 33.63
C SER B 394 15.84 30.10 32.35
N LEU B 395 15.68 29.42 31.23
CA LEU B 395 15.55 30.09 29.94
C LEU B 395 14.07 30.25 29.55
N ASN B 396 13.83 30.52 28.28
CA ASN B 396 12.48 30.69 27.76
C ASN B 396 12.34 30.12 26.35
N PRO B 397 11.10 29.87 25.90
CA PRO B 397 10.84 29.33 24.56
C PRO B 397 11.83 29.82 23.49
N ARG B 399 12.57 29.17 19.57
CA ARG B 399 11.44 28.56 18.88
C ARG B 399 11.88 27.97 17.54
N VAL B 400 11.07 27.07 16.99
CA VAL B 400 11.38 26.45 15.71
C VAL B 400 10.24 25.64 15.10
N THR B 401 9.41 26.30 14.30
CA THR B 401 8.27 25.65 13.63
C THR B 401 8.74 25.22 12.24
N PHE B 402 8.15 24.15 11.72
CA PHE B 402 8.49 23.66 10.40
C PHE B 402 7.20 23.15 9.76
N LYS B 403 6.09 23.57 10.36
CA LYS B 403 4.73 23.22 9.95
C LYS B 403 4.60 22.57 8.57
N ALA B 404 3.95 21.41 8.53
CA ALA B 404 3.75 20.69 7.28
C ALA B 404 2.26 20.42 7.07
N ASN B 405 1.82 19.18 7.23
CA ASN B 405 0.40 18.87 7.00
C ASN B 405 0.02 17.42 7.33
N ARG B 406 -1.26 17.12 7.18
CA ARG B 406 -1.86 15.80 7.40
C ARG B 406 -0.99 14.84 8.23
N PRO B 407 -0.89 15.07 9.55
CA PRO B 407 -0.08 14.24 10.43
C PRO B 407 -0.77 12.98 11.00
N PHE B 408 0.05 12.05 11.47
CA PHE B 408 -0.47 10.84 12.10
C PHE B 408 0.28 10.65 13.42
N LEU B 409 -0.36 10.00 14.39
CA LEU B 409 0.26 9.76 15.67
C LEU B 409 1.11 8.52 15.62
N VAL B 410 2.22 8.52 16.38
CA VAL B 410 3.09 7.37 16.46
C VAL B 410 3.18 7.00 17.93
N PHE B 411 3.37 5.72 18.22
CA PHE B 411 3.54 5.24 19.59
C PHE B 411 4.46 4.04 19.51
N ILE B 412 5.51 4.03 20.33
CA ILE B 412 6.39 2.88 20.36
C ILE B 412 6.14 2.40 21.77
N ARG B 413 5.52 1.24 21.88
CA ARG B 413 5.17 0.68 23.17
C ARG B 413 5.80 -0.68 23.41
N GLU B 414 5.90 -1.03 24.70
CA GLU B 414 6.44 -2.31 25.11
C GLU B 414 5.11 -2.94 25.45
N VAL B 415 4.74 -4.01 24.76
CA VAL B 415 3.43 -4.61 24.97
C VAL B 415 3.19 -5.26 26.34
N PRO B 416 3.96 -6.32 26.70
CA PRO B 416 3.74 -6.96 28.01
C PRO B 416 3.88 -6.03 29.23
N LEU B 417 4.94 -5.22 29.25
CA LEU B 417 5.15 -4.29 30.36
C LEU B 417 4.24 -3.06 30.31
N ASN B 418 3.37 -3.02 29.31
CA ASN B 418 2.40 -1.94 29.14
C ASN B 418 2.86 -0.48 29.18
N THR B 419 4.08 -0.20 28.75
CA THR B 419 4.54 1.18 28.81
C THR B 419 4.80 1.88 27.47
N ILE B 420 4.48 3.17 27.45
CA ILE B 420 4.72 4.00 26.27
C ILE B 420 6.16 4.50 26.37
N ILE B 421 7.02 4.03 25.48
CA ILE B 421 8.42 4.45 25.47
C ILE B 421 8.59 5.77 24.74
N PHE B 422 7.98 5.87 23.57
CA PHE B 422 8.03 7.05 22.74
C PHE B 422 6.64 7.31 22.19
N MET B 423 6.35 8.57 21.90
CA MET B 423 5.09 8.93 21.32
C MET B 423 5.26 10.28 20.67
N GLY B 424 4.47 10.54 19.65
CA GLY B 424 4.61 11.81 18.99
C GLY B 424 3.64 11.94 17.86
N ARG B 425 3.85 12.98 17.06
CA ARG B 425 3.00 13.29 15.93
C ARG B 425 3.93 13.60 14.76
N VAL B 426 3.81 12.83 13.69
CA VAL B 426 4.63 13.07 12.51
C VAL B 426 3.81 13.88 11.51
N ALA B 427 4.27 15.09 11.24
CA ALA B 427 3.56 15.95 10.32
C ALA B 427 4.37 16.25 9.07
N ASN B 428 5.68 16.06 9.13
CA ASN B 428 6.51 16.36 7.98
C ASN B 428 7.47 15.22 7.62
N PRO B 429 7.10 14.38 6.64
CA PRO B 429 7.91 13.25 6.20
C PRO B 429 9.06 13.68 5.29
N CYS B 430 9.27 14.99 5.20
CA CYS B 430 10.34 15.53 4.36
C CYS B 430 11.61 15.77 5.16
#